data_2VHD
#
_entry.id   2VHD
#
_cell.length_a   173.200
_cell.length_b   44.800
_cell.length_c   106.200
_cell.angle_alpha   90.00
_cell.angle_beta   106.70
_cell.angle_gamma   90.00
#
_symmetry.space_group_name_H-M   'C 1 2 1'
#
loop_
_entity.id
_entity.type
_entity.pdbx_description
1 polymer 'CYTOCHROME C551 PEROXIDASE'
2 non-polymer 'HEME C'
3 non-polymer 'CALCIUM ION'
4 water water
#
_entity_poly.entity_id   1
_entity_poly.type   'polypeptide(L)'
_entity_poly.pdbx_seq_one_letter_code
;DALHDQASALFKPIPEQVTELRGQPISEQQRELGKKLFFDPRLSRSHVLSCNTCHNVGTGGADNVPTSVGHGWQKGPRNS
PTVFNAVFNAAQFWDGRAKDLGEQAKGPIQNSVEMHSTPQLVEQTLGSIPEYVDAFRKAFPKAGKPVSFDNMALAIEAYE
ATLVTPDSPFDLYLKGDDKALDAQQKKGLKAFMDSGCSACHNGINLGGQAYFPFGLVKKPDASVLPSGDKGRFAVTKTQS
DEYVFRAAPLRNVALTAPYFHSGQVWELKDAVAIMGNAQLGKQLAPDDVENIVAFLHSLSGKQPRVEYPLLPASTETTPR
PAE
;
_entity_poly.pdbx_strand_id   A,B
#
# COMPACT_ATOMS: atom_id res chain seq x y z
N ASP A 1 -33.65 12.03 26.60
CA ASP A 1 -34.73 11.00 26.47
C ASP A 1 -34.27 9.58 26.79
N ALA A 2 -35.24 8.68 26.84
CA ALA A 2 -35.02 7.31 27.26
C ALA A 2 -34.01 6.64 26.35
N LEU A 3 -34.20 6.71 25.03
CA LEU A 3 -33.28 6.04 24.11
C LEU A 3 -31.81 6.42 24.40
N HIS A 4 -31.55 7.73 24.51
CA HIS A 4 -30.25 8.22 24.91
C HIS A 4 -29.72 7.67 26.26
N ASP A 5 -30.56 7.63 27.29
CA ASP A 5 -30.17 7.03 28.58
C ASP A 5 -29.76 5.56 28.41
N GLN A 6 -30.59 4.81 27.72
CA GLN A 6 -30.34 3.40 27.48
C GLN A 6 -29.00 3.18 26.75
N ALA A 7 -28.75 3.95 25.69
CA ALA A 7 -27.50 3.80 24.94
C ALA A 7 -26.27 4.19 25.77
N SER A 8 -26.41 5.21 26.62
CA SER A 8 -25.31 5.78 27.42
C SER A 8 -24.82 4.84 28.52
N ALA A 9 -25.71 3.94 28.97
CA ALA A 9 -25.36 2.91 29.96
C ALA A 9 -24.68 1.71 29.29
N LEU A 10 -24.81 1.62 27.97
CA LEU A 10 -24.26 0.48 27.25
C LEU A 10 -22.99 0.76 26.42
N PHE A 11 -22.83 1.99 25.97
CA PHE A 11 -21.76 2.30 25.02
C PHE A 11 -20.97 3.52 25.46
N LYS A 12 -19.73 3.58 24.98
CA LYS A 12 -18.77 4.66 25.24
C LYS A 12 -18.26 5.16 23.88
N PRO A 13 -18.02 6.47 23.75
CA PRO A 13 -17.45 7.00 22.48
C PRO A 13 -15.96 6.67 22.32
N ILE A 14 -15.47 6.65 21.08
CA ILE A 14 -14.06 6.51 20.83
C ILE A 14 -13.41 7.82 21.25
N PRO A 15 -12.34 7.76 22.06
CA PRO A 15 -11.58 8.98 22.42
C PRO A 15 -10.98 9.67 21.18
N GLU A 16 -10.68 10.96 21.29
CA GLU A 16 -10.29 11.74 20.10
C GLU A 16 -8.90 11.36 19.66
N GLN A 17 -8.16 10.78 20.61
CA GLN A 17 -6.81 10.30 20.42
C GLN A 17 -6.48 9.34 21.55
N VAL A 18 -5.49 8.50 21.30
CA VAL A 18 -4.90 7.66 22.33
C VAL A 18 -3.43 8.08 22.35
N THR A 19 -2.91 8.38 23.54
CA THR A 19 -1.52 8.79 23.73
C THR A 19 -0.90 8.06 24.93
N GLU A 20 -1.55 7.01 25.37
CA GLU A 20 -1.10 6.32 26.54
C GLU A 20 -1.44 4.83 26.36
N LEU A 21 -0.55 3.97 26.85
CA LEU A 21 -0.80 2.54 26.79
C LEU A 21 -0.22 1.81 27.99
N ARG A 22 -1.06 1.07 28.70
CA ARG A 22 -0.64 0.42 29.96
C ARG A 22 -0.04 1.42 30.99
N GLY A 23 -0.56 2.63 30.99
CA GLY A 23 -0.14 3.61 31.98
C GLY A 23 1.18 4.28 31.70
N GLN A 24 1.59 4.30 30.45
CA GLN A 24 2.68 5.20 30.04
C GLN A 24 2.47 5.90 28.71
N PRO A 25 3.00 7.14 28.60
CA PRO A 25 2.98 7.91 27.36
C PRO A 25 3.50 7.02 26.26
N ILE A 26 2.79 7.03 25.14
CA ILE A 26 3.27 6.40 23.95
C ILE A 26 4.44 7.28 23.55
N SER A 27 5.59 6.64 23.30
CA SER A 27 6.77 7.31 22.76
C SER A 27 6.52 7.66 21.31
N GLU A 28 6.70 8.92 20.95
CA GLU A 28 6.49 9.30 19.54
C GLU A 28 7.62 8.92 18.58
N GLN A 29 8.80 8.68 19.14
CA GLN A 29 9.88 8.06 18.39
C GLN A 29 9.40 6.63 18.04
N GLN A 30 8.77 5.95 19.00
CA GLN A 30 8.22 4.60 18.77
C GLN A 30 7.03 4.58 17.84
N ARG A 31 6.15 5.58 17.97
CA ARG A 31 5.00 5.76 17.08
C ARG A 31 5.41 5.93 15.61
N GLU A 32 6.48 6.67 15.37
CA GLU A 32 6.91 7.01 14.01
C GLU A 32 7.73 5.85 13.41
N LEU A 33 8.44 5.10 14.25
CA LEU A 33 9.10 3.92 13.79
C LEU A 33 8.09 2.82 13.40
N GLY A 34 7.10 2.62 14.27
CA GLY A 34 6.00 1.72 14.05
C GLY A 34 5.27 2.02 12.77
N LYS A 35 5.09 3.29 12.43
CA LYS A 35 4.45 3.63 11.16
C LYS A 35 5.25 3.15 9.95
N LYS A 36 6.58 3.34 9.98
CA LYS A 36 7.43 2.84 8.91
C LYS A 36 7.35 1.33 8.82
N LEU A 37 7.30 0.69 9.96
CA LEU A 37 7.29 -0.77 10.03
C LEU A 37 5.99 -1.37 9.48
N PHE A 38 4.87 -0.70 9.77
CA PHE A 38 3.55 -1.10 9.29
C PHE A 38 3.43 -1.12 7.78
N PHE A 39 4.15 -0.22 7.13
CA PHE A 39 4.14 -0.10 5.64
C PHE A 39 5.34 -0.66 4.94
N ASP A 40 6.27 -1.24 5.69
CA ASP A 40 7.50 -1.74 5.08
C ASP A 40 7.31 -3.18 4.60
N PRO A 41 7.29 -3.40 3.27
CA PRO A 41 7.02 -4.79 2.80
C PRO A 41 8.19 -5.72 2.98
N ARG A 42 9.33 -5.21 3.46
CA ARG A 42 10.56 -5.99 3.64
C ARG A 42 10.60 -6.77 4.95
N LEU A 43 9.59 -6.53 5.80
CA LEU A 43 9.28 -7.38 6.96
C LEU A 43 8.75 -8.76 6.52
N SER A 44 8.38 -8.88 5.25
CA SER A 44 7.96 -10.14 4.68
C SER A 44 9.14 -10.73 3.88
N ARG A 45 9.21 -12.05 3.79
CA ARG A 45 10.28 -12.70 3.10
C ARG A 45 10.29 -12.35 1.59
N SER A 46 9.10 -12.18 1.02
CA SER A 46 8.98 -11.86 -0.39
C SER A 46 9.24 -10.36 -0.68
N HIS A 47 9.13 -9.52 0.35
CA HIS A 47 9.31 -8.05 0.18
C HIS A 47 8.10 -7.41 -0.55
N VAL A 48 6.97 -8.11 -0.58
CA VAL A 48 5.85 -7.69 -1.36
C VAL A 48 4.60 -7.47 -0.43
N LEU A 49 4.70 -7.91 0.81
CA LEU A 49 3.58 -7.82 1.73
C LEU A 49 3.92 -6.97 2.93
N SER A 50 3.11 -5.94 3.20
CA SER A 50 3.27 -5.21 4.48
C SER A 50 1.99 -5.41 5.30
N CYS A 51 1.94 -4.93 6.55
CA CYS A 51 0.70 -5.00 7.33
C CYS A 51 -0.45 -4.31 6.56
N ASN A 52 -0.12 -3.16 5.95
CA ASN A 52 -1.11 -2.43 5.19
C ASN A 52 -1.72 -3.21 4.00
N THR A 53 -0.99 -4.18 3.49
CA THR A 53 -1.53 -5.04 2.41
C THR A 53 -2.85 -5.66 2.82
N CYS A 54 -2.89 -6.20 4.04
CA CYS A 54 -4.07 -6.87 4.53
C CYS A 54 -4.98 -6.04 5.44
N HIS A 55 -4.53 -4.81 5.74
CA HIS A 55 -5.17 -3.92 6.70
C HIS A 55 -5.14 -2.55 6.12
N ASN A 56 -5.56 -2.46 4.86
CA ASN A 56 -5.52 -1.23 4.09
C ASN A 56 -6.16 0.01 4.77
N VAL A 57 -5.34 0.98 5.13
CA VAL A 57 -5.83 2.18 5.85
C VAL A 57 -6.80 3.02 5.02
N GLY A 58 -6.75 2.88 3.68
CA GLY A 58 -7.71 3.54 2.77
C GLY A 58 -9.08 2.91 2.61
N THR A 59 -9.24 1.64 3.05
CA THR A 59 -10.49 0.92 2.93
C THR A 59 -10.89 0.35 4.29
N GLY A 60 -10.94 1.21 5.30
CA GLY A 60 -11.37 0.81 6.64
C GLY A 60 -10.40 0.00 7.50
N GLY A 61 -9.13 -0.07 7.10
CA GLY A 61 -8.15 -0.86 7.84
C GLY A 61 -8.24 -2.38 7.63
N ALA A 62 -8.97 -2.84 6.61
CA ALA A 62 -9.08 -4.25 6.29
C ALA A 62 -8.82 -4.37 4.79
N ASP A 63 -8.61 -5.60 4.29
CA ASP A 63 -8.30 -5.74 2.84
C ASP A 63 -9.59 -6.01 2.05
N ASN A 64 -10.68 -6.36 2.77
CA ASN A 64 -12.04 -6.49 2.19
C ASN A 64 -12.12 -7.55 1.06
N VAL A 65 -11.52 -8.68 1.35
CA VAL A 65 -11.44 -9.83 0.46
C VAL A 65 -11.86 -10.93 1.43
N PRO A 66 -12.51 -12.04 0.95
CA PRO A 66 -13.10 -13.01 1.90
C PRO A 66 -12.09 -13.47 2.93
N THR A 67 -10.98 -14.05 2.47
CA THR A 67 -9.85 -14.33 3.35
C THR A 67 -8.59 -13.79 2.68
N SER A 68 -7.68 -13.24 3.49
CA SER A 68 -6.49 -12.54 3.01
C SER A 68 -5.61 -13.44 2.18
N VAL A 69 -4.94 -12.80 1.22
CA VAL A 69 -4.00 -13.40 0.28
C VAL A 69 -2.59 -13.07 0.78
N GLY A 70 -1.82 -14.09 1.15
CA GLY A 70 -0.48 -13.86 1.67
C GLY A 70 0.59 -14.43 0.78
N HIS A 71 1.68 -14.84 1.41
CA HIS A 71 2.84 -15.36 0.70
C HIS A 71 2.44 -16.44 -0.28
N GLY A 72 2.97 -16.35 -1.51
CA GLY A 72 2.69 -17.29 -2.58
C GLY A 72 1.25 -17.38 -3.08
N TRP A 73 0.47 -16.31 -2.81
CA TRP A 73 -0.97 -16.27 -3.14
C TRP A 73 -1.72 -17.31 -2.31
N GLN A 74 -1.25 -17.54 -1.10
CA GLN A 74 -1.98 -18.44 -0.20
C GLN A 74 -3.07 -17.64 0.52
N LYS A 75 -4.32 -18.08 0.35
CA LYS A 75 -5.45 -17.49 1.05
C LYS A 75 -5.56 -18.22 2.37
N GLY A 76 -5.75 -17.45 3.44
CA GLY A 76 -5.83 -17.99 4.78
C GLY A 76 -7.20 -18.51 5.10
N PRO A 77 -7.38 -19.05 6.32
CA PRO A 77 -8.66 -19.44 6.86
C PRO A 77 -9.61 -18.29 7.18
N ARG A 78 -9.09 -17.09 7.49
CA ARG A 78 -9.93 -16.02 8.04
C ARG A 78 -9.95 -14.66 7.33
N ASN A 79 -11.07 -13.97 7.50
CA ASN A 79 -11.23 -12.57 7.11
C ASN A 79 -10.36 -11.67 8.02
N SER A 80 -9.58 -10.77 7.44
CA SER A 80 -8.74 -9.93 8.31
C SER A 80 -9.54 -8.77 8.86
N PRO A 81 -9.53 -8.61 10.20
CA PRO A 81 -10.32 -7.57 10.77
C PRO A 81 -9.61 -6.20 10.61
N THR A 82 -10.28 -5.11 10.93
CA THR A 82 -9.63 -3.83 10.85
C THR A 82 -8.66 -3.69 12.02
N VAL A 83 -7.56 -3.01 11.79
CA VAL A 83 -6.65 -2.63 12.85
C VAL A 83 -7.15 -1.36 13.55
N PHE A 84 -8.13 -0.67 12.97
CA PHE A 84 -8.58 0.57 13.56
C PHE A 84 -9.36 0.23 14.85
N ASN A 85 -9.00 0.94 15.92
CA ASN A 85 -9.65 0.81 17.23
C ASN A 85 -9.29 -0.47 17.97
N ALA A 86 -8.39 -1.25 17.37
CA ALA A 86 -7.99 -2.56 17.92
C ALA A 86 -7.38 -2.53 19.33
N VAL A 87 -6.75 -1.40 19.71
CA VAL A 87 -6.24 -1.20 21.07
C VAL A 87 -7.24 -1.44 22.18
N PHE A 88 -8.51 -1.17 21.91
CA PHE A 88 -9.54 -1.19 22.95
C PHE A 88 -10.12 -2.59 23.11
N ASN A 89 -9.72 -3.51 22.23
CA ASN A 89 -10.24 -4.84 22.34
C ASN A 89 -9.55 -5.59 23.51
N ALA A 90 -10.27 -6.46 24.18
CA ALA A 90 -9.72 -7.15 25.37
C ALA A 90 -8.59 -8.13 25.00
N ALA A 91 -8.62 -8.61 23.76
CA ALA A 91 -7.59 -9.49 23.26
C ALA A 91 -7.64 -9.37 21.75
N GLN A 92 -6.63 -9.92 21.07
CA GLN A 92 -6.50 -9.77 19.61
C GLN A 92 -6.71 -11.09 18.85
N PHE A 93 -7.09 -10.96 17.57
CA PHE A 93 -7.48 -12.08 16.67
C PHE A 93 -8.89 -12.58 16.96
N TRP A 94 -9.53 -13.19 15.95
CA TRP A 94 -10.85 -13.79 16.07
C TRP A 94 -11.00 -14.76 17.26
N ASP A 95 -9.90 -15.33 17.75
CA ASP A 95 -9.95 -16.27 18.88
C ASP A 95 -9.34 -15.72 20.18
N GLY A 96 -9.10 -14.41 20.22
CA GLY A 96 -8.43 -13.72 21.34
C GLY A 96 -7.07 -14.27 21.79
N ARG A 97 -6.33 -14.90 20.85
CA ARG A 97 -5.13 -15.67 21.18
C ARG A 97 -3.91 -14.78 21.41
N ALA A 98 -4.07 -13.47 21.17
CA ALA A 98 -3.02 -12.51 21.50
C ALA A 98 -3.52 -11.49 22.51
N LYS A 99 -2.74 -11.30 23.56
CA LYS A 99 -3.04 -10.43 24.68
C LYS A 99 -3.18 -9.00 24.25
N ASP A 100 -2.28 -8.57 23.37
CA ASP A 100 -2.26 -7.19 22.93
C ASP A 100 -1.69 -7.10 21.53
N LEU A 101 -1.58 -5.87 21.06
CA LEU A 101 -1.15 -5.58 19.73
C LEU A 101 0.31 -5.93 19.57
N GLY A 102 1.08 -5.73 20.64
CA GLY A 102 2.49 -6.11 20.67
C GLY A 102 2.67 -7.60 20.34
N GLU A 103 2.03 -8.45 21.15
CA GLU A 103 2.05 -9.87 20.91
C GLU A 103 1.44 -10.25 19.55
N GLN A 104 0.41 -9.51 19.12
CA GLN A 104 -0.30 -9.87 17.92
C GLN A 104 0.63 -9.76 16.68
N ALA A 105 1.38 -8.66 16.58
CA ALA A 105 2.24 -8.34 15.43
C ALA A 105 3.24 -9.43 15.12
N LYS A 106 3.51 -10.26 16.13
CA LYS A 106 4.47 -11.34 15.99
C LYS A 106 3.92 -12.49 15.15
N GLY A 107 2.60 -12.68 15.19
CA GLY A 107 1.95 -13.68 14.36
C GLY A 107 2.21 -13.51 12.86
N PRO A 108 1.67 -12.44 12.26
CA PRO A 108 1.82 -12.16 10.82
C PRO A 108 3.23 -12.33 10.25
N ILE A 109 4.25 -11.80 10.93
CA ILE A 109 5.61 -11.90 10.43
C ILE A 109 6.00 -13.35 10.19
N GLN A 110 5.61 -14.24 11.11
CA GLN A 110 6.09 -15.64 11.10
C GLN A 110 5.12 -16.58 10.41
N ASN A 111 3.93 -16.07 10.10
CA ASN A 111 2.86 -16.90 9.55
C ASN A 111 3.21 -17.23 8.10
N SER A 112 3.29 -18.53 7.80
CA SER A 112 3.76 -18.97 6.50
C SER A 112 2.80 -18.61 5.35
N VAL A 113 1.52 -18.36 5.68
CA VAL A 113 0.53 -18.02 4.66
C VAL A 113 0.27 -16.52 4.66
N GLU A 114 0.99 -15.79 5.49
CA GLU A 114 0.91 -14.32 5.52
C GLU A 114 2.26 -13.78 5.09
N MET A 115 3.08 -13.32 6.03
CA MET A 115 4.36 -12.72 5.70
C MET A 115 5.52 -13.70 5.53
N HIS A 116 5.45 -14.87 6.20
CA HIS A 116 6.40 -15.97 5.99
C HIS A 116 7.88 -15.58 6.24
N SER A 117 8.10 -14.88 7.34
CA SER A 117 9.44 -14.48 7.72
C SER A 117 9.78 -15.13 9.07
N THR A 118 10.87 -14.69 9.68
CA THR A 118 11.30 -15.15 11.03
C THR A 118 11.85 -13.95 11.80
N PRO A 119 11.95 -14.08 13.14
CA PRO A 119 12.69 -13.09 13.95
C PRO A 119 14.11 -12.73 13.43
N GLN A 120 14.89 -13.75 13.06
CA GLN A 120 16.27 -13.60 12.59
C GLN A 120 16.33 -12.80 11.29
N LEU A 121 15.45 -13.15 10.37
CA LEU A 121 15.36 -12.47 9.08
C LEU A 121 14.98 -11.00 9.21
N VAL A 122 14.03 -10.71 10.09
CA VAL A 122 13.62 -9.36 10.38
C VAL A 122 14.75 -8.53 10.97
N GLU A 123 15.34 -9.05 12.04
CA GLU A 123 16.49 -8.41 12.69
C GLU A 123 17.60 -8.12 11.68
N GLN A 124 17.93 -9.11 10.86
CA GLN A 124 18.98 -8.95 9.85
C GLN A 124 18.65 -7.87 8.80
N THR A 125 17.38 -7.80 8.39
CA THR A 125 16.90 -6.84 7.43
C THR A 125 16.94 -5.43 8.01
N LEU A 126 16.36 -5.27 9.20
CA LEU A 126 16.34 -3.95 9.86
C LEU A 126 17.71 -3.42 10.24
N GLY A 127 18.53 -4.30 10.82
CA GLY A 127 19.92 -3.98 11.14
C GLY A 127 20.82 -3.65 9.95
N SER A 128 20.43 -4.07 8.75
CA SER A 128 21.22 -3.79 7.56
C SER A 128 21.01 -2.34 7.11
N ILE A 129 20.02 -1.66 7.67
CA ILE A 129 19.66 -0.31 7.20
C ILE A 129 20.00 0.75 8.24
N PRO A 130 21.02 1.60 7.96
CA PRO A 130 21.42 2.56 8.98
C PRO A 130 20.31 3.41 9.58
N GLU A 131 19.38 3.90 8.76
CA GLU A 131 18.26 4.68 9.30
C GLU A 131 17.41 3.91 10.34
N TYR A 132 17.26 2.61 10.15
CA TYR A 132 16.46 1.82 11.07
C TYR A 132 17.23 1.57 12.35
N VAL A 133 18.52 1.28 12.20
CA VAL A 133 19.39 1.12 13.35
C VAL A 133 19.29 2.36 14.25
N ASP A 134 19.43 3.54 13.63
CA ASP A 134 19.37 4.78 14.35
C ASP A 134 18.00 5.01 14.97
N ALA A 135 16.95 4.76 14.19
CA ALA A 135 15.59 4.91 14.72
C ALA A 135 15.25 3.93 15.86
N PHE A 136 15.58 2.64 15.73
CA PHE A 136 15.48 1.72 16.86
C PHE A 136 16.30 2.18 18.06
N ARG A 137 17.55 2.59 17.83
CA ARG A 137 18.39 3.05 18.95
C ARG A 137 17.73 4.14 19.73
N LYS A 138 17.18 5.12 19.02
CA LYS A 138 16.56 6.28 19.66
C LYS A 138 15.21 5.97 20.30
N ALA A 139 14.47 5.04 19.70
CA ALA A 139 13.11 4.72 20.13
C ALA A 139 13.16 3.83 21.35
N PHE A 140 14.29 3.16 21.52
CA PHE A 140 14.49 2.18 22.60
C PHE A 140 15.85 2.45 23.24
N PRO A 141 15.96 3.55 24.03
CA PRO A 141 17.26 4.03 24.52
C PRO A 141 17.90 3.22 25.64
N LYS A 142 17.14 2.39 26.33
CA LYS A 142 17.72 1.63 27.43
C LYS A 142 18.11 0.23 26.96
N ALA A 143 17.96 -0.03 25.67
CA ALA A 143 18.14 -1.40 25.16
C ALA A 143 19.58 -1.64 24.72
N GLY A 144 20.15 -2.76 25.17
CA GLY A 144 21.42 -3.23 24.63
C GLY A 144 21.26 -3.82 23.25
N LYS A 145 20.04 -4.23 22.93
CA LYS A 145 19.67 -4.70 21.58
C LYS A 145 18.47 -3.92 21.05
N PRO A 146 18.66 -2.64 20.71
CA PRO A 146 17.48 -1.91 20.24
C PRO A 146 16.84 -2.54 18.99
N VAL A 147 17.65 -3.00 18.05
CA VAL A 147 17.07 -3.58 16.83
C VAL A 147 16.76 -5.04 17.15
N SER A 148 15.54 -5.32 17.52
CA SER A 148 15.11 -6.71 17.72
C SER A 148 13.64 -6.91 17.37
N PHE A 149 13.31 -8.18 17.18
CA PHE A 149 11.98 -8.62 16.88
C PHE A 149 11.01 -8.14 17.92
N ASP A 150 11.35 -8.24 19.20
CA ASP A 150 10.40 -7.77 20.24
C ASP A 150 10.20 -6.27 20.21
N ASN A 151 11.25 -5.51 19.93
CA ASN A 151 11.11 -4.06 19.87
C ASN A 151 10.42 -3.58 18.62
N MET A 152 10.52 -4.36 17.54
CA MET A 152 9.77 -4.12 16.31
C MET A 152 8.27 -4.22 16.62
N ALA A 153 7.90 -5.27 17.33
CA ALA A 153 6.51 -5.48 17.74
C ALA A 153 5.95 -4.37 18.66
N LEU A 154 6.79 -3.86 19.57
CA LEU A 154 6.43 -2.76 20.45
C LEU A 154 6.24 -1.46 19.72
N ALA A 155 7.00 -1.24 18.66
CA ALA A 155 6.92 0.01 17.92
C ALA A 155 5.64 0.03 17.06
N ILE A 156 5.33 -1.12 16.47
CA ILE A 156 4.16 -1.28 15.65
C ILE A 156 2.91 -1.10 16.52
N GLU A 157 2.90 -1.77 17.66
CA GLU A 157 1.88 -1.56 18.69
C GLU A 157 1.70 -0.09 18.97
N ALA A 158 2.77 0.63 19.33
CA ALA A 158 2.65 2.07 19.61
C ALA A 158 1.99 2.86 18.48
N TYR A 159 2.31 2.48 17.24
CA TYR A 159 1.70 3.12 16.10
C TYR A 159 0.18 2.83 15.99
N GLU A 160 -0.15 1.54 15.94
CA GLU A 160 -1.52 1.05 15.87
C GLU A 160 -2.44 1.58 16.97
N ALA A 161 -1.91 1.68 18.17
CA ALA A 161 -2.69 2.23 19.27
C ALA A 161 -3.19 3.64 18.90
N THR A 162 -2.56 4.29 17.93
CA THR A 162 -2.98 5.63 17.65
C THR A 162 -4.05 5.70 16.61
N LEU A 163 -4.37 4.54 16.03
CA LEU A 163 -5.23 4.47 14.85
C LEU A 163 -6.68 4.21 15.29
N VAL A 164 -7.39 5.29 15.60
CA VAL A 164 -8.70 5.22 16.24
C VAL A 164 -9.63 6.07 15.39
N THR A 165 -10.93 5.86 15.49
CA THR A 165 -11.86 6.54 14.57
C THR A 165 -12.97 7.21 15.35
N PRO A 166 -12.70 8.43 15.86
CA PRO A 166 -13.66 9.17 16.67
C PRO A 166 -14.74 9.79 15.82
N ASP A 167 -15.80 10.25 16.49
CA ASP A 167 -16.80 11.16 15.91
C ASP A 167 -17.61 10.58 14.76
N SER A 168 -17.80 9.28 14.80
CA SER A 168 -18.89 8.67 14.08
C SER A 168 -20.17 9.39 14.55
N PRO A 169 -21.18 9.48 13.66
CA PRO A 169 -22.52 9.98 14.01
C PRO A 169 -23.04 9.45 15.36
N PHE A 170 -22.87 8.15 15.60
CA PHE A 170 -23.26 7.53 16.86
C PHE A 170 -22.52 8.11 18.07
N ASP A 171 -21.22 8.36 17.94
CA ASP A 171 -20.44 8.94 19.04
C ASP A 171 -20.86 10.37 19.35
N LEU A 172 -21.16 11.13 18.29
CA LEU A 172 -21.59 12.54 18.42
C LEU A 172 -22.91 12.58 19.15
N TYR A 173 -23.75 11.59 18.84
CA TYR A 173 -25.03 11.35 19.52
C TYR A 173 -24.86 11.00 21.01
N LEU A 174 -24.00 10.00 21.28
CA LEU A 174 -23.58 9.66 22.64
C LEU A 174 -23.09 10.88 23.39
N LYS A 175 -22.25 11.70 22.75
CA LYS A 175 -21.62 12.83 23.45
C LYS A 175 -22.55 14.05 23.67
N GLY A 176 -23.73 14.02 23.06
CA GLY A 176 -24.79 14.99 23.37
C GLY A 176 -25.67 15.51 22.24
N ASP A 177 -25.30 15.21 21.00
CA ASP A 177 -25.98 15.76 19.81
C ASP A 177 -27.14 14.86 19.41
N ASP A 178 -28.35 15.23 19.81
CA ASP A 178 -29.49 14.38 19.55
C ASP A 178 -29.78 14.10 18.06
N LYS A 179 -29.35 14.98 17.16
CA LYS A 179 -29.75 14.85 15.77
C LYS A 179 -28.64 14.23 14.89
N ALA A 180 -27.66 13.65 15.56
CA ALA A 180 -26.53 13.05 14.87
C ALA A 180 -26.97 11.71 14.29
N LEU A 181 -27.96 11.09 14.95
CA LEU A 181 -28.65 9.94 14.40
C LEU A 181 -29.94 10.40 13.75
N ASP A 182 -30.16 10.02 12.50
CA ASP A 182 -31.45 10.29 11.86
C ASP A 182 -32.50 9.36 12.47
N ALA A 183 -33.75 9.53 12.05
CA ALA A 183 -34.87 8.85 12.68
C ALA A 183 -34.79 7.35 12.51
N GLN A 184 -34.28 6.90 11.36
CA GLN A 184 -34.11 5.48 11.10
C GLN A 184 -33.06 4.84 12.05
N GLN A 185 -31.94 5.53 12.18
CA GLN A 185 -30.82 5.06 13.00
C GLN A 185 -31.24 4.94 14.46
N LYS A 186 -32.10 5.84 14.90
CA LYS A 186 -32.62 5.78 16.26
C LYS A 186 -33.51 4.57 16.45
N LYS A 187 -34.32 4.26 15.45
CA LYS A 187 -35.10 3.01 15.45
C LYS A 187 -34.15 1.82 15.46
N GLY A 188 -33.12 1.85 14.60
CA GLY A 188 -32.13 0.77 14.52
C GLY A 188 -31.34 0.63 15.81
N LEU A 189 -30.95 1.76 16.39
CA LEU A 189 -30.26 1.74 17.66
C LEU A 189 -31.16 1.06 18.69
N LYS A 190 -32.44 1.45 18.70
CA LYS A 190 -33.47 0.84 19.58
C LYS A 190 -33.65 -0.66 19.36
N ALA A 191 -33.69 -1.08 18.11
CA ALA A 191 -33.92 -2.48 17.74
C ALA A 191 -32.72 -3.32 18.17
N PHE A 192 -31.53 -2.76 17.94
CA PHE A 192 -30.26 -3.33 18.35
C PHE A 192 -30.23 -3.60 19.84
N MET A 193 -30.66 -2.62 20.63
CA MET A 193 -30.67 -2.77 22.08
C MET A 193 -31.73 -3.74 22.58
N ASP A 194 -32.97 -3.57 22.10
CA ASP A 194 -34.10 -4.32 22.65
C ASP A 194 -34.06 -5.78 22.25
N SER A 195 -33.43 -6.08 21.11
CA SER A 195 -33.33 -7.48 20.62
C SER A 195 -32.28 -8.26 21.38
N GLY A 196 -31.42 -7.54 22.11
CA GLY A 196 -30.27 -8.13 22.80
C GLY A 196 -28.90 -8.15 22.11
N CYS A 197 -28.77 -7.53 20.93
CA CYS A 197 -27.46 -7.44 20.24
C CYS A 197 -26.35 -6.88 21.10
N SER A 198 -26.70 -5.84 21.88
CA SER A 198 -25.80 -5.15 22.79
C SER A 198 -25.32 -5.99 23.98
N ALA A 199 -25.89 -7.18 24.18
CA ALA A 199 -25.39 -8.06 25.26
C ALA A 199 -23.97 -8.55 24.95
N CYS A 200 -23.65 -8.65 23.67
CA CYS A 200 -22.33 -9.12 23.21
C CYS A 200 -21.53 -7.99 22.59
N HIS A 201 -22.23 -7.08 21.92
CA HIS A 201 -21.62 -5.92 21.30
C HIS A 201 -21.88 -4.68 22.15
N ASN A 202 -21.01 -4.40 23.12
CA ASN A 202 -21.16 -3.22 24.00
C ASN A 202 -19.88 -2.40 24.19
N GLY A 203 -19.94 -1.36 25.03
CA GLY A 203 -18.77 -0.53 25.33
C GLY A 203 -18.22 0.30 24.17
N ILE A 204 -16.94 0.69 24.29
CA ILE A 204 -16.23 1.51 23.30
C ILE A 204 -16.33 0.94 21.89
N ASN A 205 -16.11 -0.37 21.74
CA ASN A 205 -16.06 -0.97 20.42
C ASN A 205 -17.31 -1.65 19.89
N LEU A 206 -18.36 -1.75 20.71
CA LEU A 206 -19.52 -2.58 20.37
C LEU A 206 -19.12 -4.01 20.01
N GLY A 207 -18.31 -4.62 20.87
CA GLY A 207 -17.83 -6.00 20.69
C GLY A 207 -16.33 -5.99 20.99
N GLY A 208 -15.66 -7.13 20.77
CA GLY A 208 -14.23 -7.31 21.05
C GLY A 208 -13.84 -7.56 22.52
N GLN A 209 -14.83 -7.79 23.38
CA GLN A 209 -14.54 -7.81 24.82
C GLN A 209 -14.72 -9.20 25.42
N ALA A 210 -15.46 -10.04 24.73
CA ALA A 210 -15.78 -11.38 25.19
C ALA A 210 -15.95 -12.33 24.01
N TYR A 211 -16.07 -13.62 24.36
CA TYR A 211 -16.13 -14.71 23.38
C TYR A 211 -17.48 -15.43 23.54
N PHE A 212 -18.10 -15.83 22.43
CA PHE A 212 -19.39 -16.50 22.49
C PHE A 212 -19.52 -17.51 21.38
N PRO A 213 -20.38 -18.54 21.56
CA PRO A 213 -20.59 -19.42 20.42
C PRO A 213 -21.13 -18.63 19.24
N PHE A 214 -20.61 -18.90 18.04
CA PHE A 214 -21.28 -18.41 16.84
C PHE A 214 -22.47 -19.38 16.66
N GLY A 215 -23.61 -19.00 17.21
CA GLY A 215 -24.73 -19.91 17.32
C GLY A 215 -25.11 -20.22 18.76
N LEU A 216 -25.19 -19.17 19.59
CA LEU A 216 -25.68 -19.31 20.97
C LEU A 216 -27.06 -20.03 21.01
N VAL A 217 -27.88 -19.76 20.00
CA VAL A 217 -29.20 -20.36 19.90
C VAL A 217 -29.25 -21.41 18.76
N LYS A 218 -28.75 -21.03 17.58
CA LYS A 218 -28.77 -21.90 16.40
C LYS A 218 -27.54 -21.68 15.52
N LYS A 219 -26.91 -22.79 15.13
CA LYS A 219 -25.72 -22.79 14.25
C LYS A 219 -26.04 -22.25 12.84
N PRO A 220 -25.28 -21.23 12.37
CA PRO A 220 -25.39 -20.81 10.96
C PRO A 220 -25.05 -21.96 10.00
N ASP A 221 -25.26 -21.75 8.70
CA ASP A 221 -24.91 -22.78 7.70
C ASP A 221 -23.40 -23.03 7.65
N ALA A 222 -22.98 -24.08 6.94
CA ALA A 222 -21.56 -24.46 6.90
C ALA A 222 -20.64 -23.51 6.09
N SER A 223 -21.21 -22.60 5.31
CA SER A 223 -20.37 -21.65 4.59
C SER A 223 -20.01 -20.46 5.51
N VAL A 224 -20.98 -20.05 6.32
CA VAL A 224 -20.75 -18.97 7.31
C VAL A 224 -19.91 -19.47 8.51
N LEU A 225 -20.11 -20.73 8.89
CA LEU A 225 -19.34 -21.39 9.93
C LEU A 225 -18.59 -22.62 9.42
N PRO A 226 -17.44 -22.41 8.74
CA PRO A 226 -16.72 -23.61 8.26
C PRO A 226 -16.36 -24.56 9.42
N SER A 227 -16.63 -25.86 9.26
CA SER A 227 -16.38 -26.83 10.34
C SER A 227 -14.90 -26.94 10.78
N GLY A 228 -13.97 -26.72 9.83
CA GLY A 228 -12.54 -26.79 10.08
C GLY A 228 -11.91 -25.71 10.96
N ASP A 229 -12.65 -24.63 11.24
CA ASP A 229 -12.19 -23.56 12.15
C ASP A 229 -12.99 -23.58 13.45
N LYS A 230 -12.43 -24.17 14.52
CA LYS A 230 -13.18 -24.29 15.79
C LYS A 230 -13.08 -23.05 16.71
N GLY A 231 -12.40 -22.00 16.26
CA GLY A 231 -12.26 -20.76 17.04
C GLY A 231 -11.45 -20.94 18.30
N ARG A 232 -12.03 -20.53 19.44
CA ARG A 232 -11.39 -20.60 20.78
C ARG A 232 -10.84 -21.98 21.16
N PHE A 233 -11.51 -23.06 20.74
CA PHE A 233 -11.06 -24.42 21.08
C PHE A 233 -9.57 -24.60 20.78
N ALA A 234 -9.15 -24.08 19.62
CA ALA A 234 -7.75 -24.16 19.20
C ALA A 234 -6.79 -23.46 20.20
N VAL A 235 -7.28 -22.45 20.92
CA VAL A 235 -6.55 -21.80 22.00
C VAL A 235 -6.61 -22.56 23.35
N THR A 236 -7.81 -22.92 23.79
CA THR A 236 -8.04 -23.37 25.16
C THR A 236 -8.18 -24.90 25.30
N LYS A 237 -8.60 -25.56 24.21
CA LYS A 237 -8.85 -27.02 24.19
C LYS A 237 -10.01 -27.45 25.11
N THR A 238 -10.69 -26.46 25.67
CA THR A 238 -11.98 -26.65 26.32
C THR A 238 -12.99 -26.89 25.21
N GLN A 239 -13.76 -27.96 25.35
CA GLN A 239 -14.65 -28.40 24.29
C GLN A 239 -15.83 -27.46 24.05
N SER A 240 -16.33 -26.88 25.14
CA SER A 240 -17.41 -25.89 25.05
C SER A 240 -16.96 -24.61 24.32
N ASP A 241 -15.67 -24.55 23.95
CA ASP A 241 -15.08 -23.48 23.16
C ASP A 241 -15.07 -23.70 21.63
N GLU A 242 -15.53 -24.88 21.19
CA GLU A 242 -15.70 -25.17 19.78
C GLU A 242 -16.64 -24.16 19.16
N TYR A 243 -16.17 -23.49 18.10
CA TYR A 243 -16.98 -22.52 17.36
C TYR A 243 -17.40 -21.30 18.20
N VAL A 244 -16.63 -21.06 19.26
CA VAL A 244 -16.76 -19.89 20.09
C VAL A 244 -15.77 -18.88 19.54
N PHE A 245 -16.28 -17.70 19.17
CA PHE A 245 -15.43 -16.61 18.62
C PHE A 245 -15.53 -15.33 19.44
N ARG A 246 -14.54 -14.46 19.31
CA ARG A 246 -14.62 -13.12 19.95
C ARG A 246 -15.79 -12.35 19.33
N ALA A 247 -16.67 -11.78 20.16
CA ALA A 247 -17.73 -10.89 19.64
C ALA A 247 -17.04 -9.80 18.81
N ALA A 248 -17.45 -9.68 17.55
CA ALA A 248 -16.81 -8.80 16.61
C ALA A 248 -17.08 -7.34 17.01
N PRO A 249 -16.03 -6.51 17.06
CA PRO A 249 -16.30 -5.10 17.33
C PRO A 249 -16.93 -4.44 16.09
N LEU A 250 -18.00 -3.67 16.29
CA LEU A 250 -18.83 -3.26 15.17
C LEU A 250 -18.47 -1.89 14.55
N ARG A 251 -17.56 -1.16 15.19
CA ARG A 251 -17.04 0.12 14.66
C ARG A 251 -16.57 -0.09 13.24
N ASN A 252 -16.92 0.85 12.37
CA ASN A 252 -16.56 0.83 10.97
C ASN A 252 -16.97 -0.45 10.22
N VAL A 253 -17.99 -1.16 10.73
CA VAL A 253 -18.51 -2.39 10.10
C VAL A 253 -19.07 -2.15 8.69
N ALA A 254 -19.57 -0.94 8.43
CA ALA A 254 -20.02 -0.58 7.08
C ALA A 254 -18.89 -0.56 6.05
N LEU A 255 -17.64 -0.43 6.52
CA LEU A 255 -16.49 -0.20 5.64
C LEU A 255 -15.62 -1.43 5.35
N THR A 256 -15.99 -2.55 6.00
CA THR A 256 -15.16 -3.74 6.08
C THR A 256 -15.88 -5.03 5.62
N ALA A 257 -16.85 -4.93 4.71
CA ALA A 257 -17.41 -6.15 4.10
C ALA A 257 -16.29 -6.89 3.38
N PRO A 258 -16.35 -8.23 3.33
CA PRO A 258 -17.37 -9.11 3.86
C PRO A 258 -17.29 -9.41 5.36
N TYR A 259 -18.27 -10.14 5.89
CA TYR A 259 -18.46 -10.28 7.31
C TYR A 259 -18.28 -11.67 7.91
N PHE A 260 -18.21 -11.68 9.24
CA PHE A 260 -17.75 -12.82 10.05
C PHE A 260 -16.32 -13.25 9.73
N HIS A 261 -15.80 -14.16 10.57
CA HIS A 261 -14.39 -14.58 10.47
C HIS A 261 -14.12 -15.22 9.13
N SER A 262 -15.19 -15.75 8.53
CA SER A 262 -15.11 -16.56 7.30
C SER A 262 -15.17 -15.77 5.97
N GLY A 263 -15.53 -14.47 6.07
CA GLY A 263 -15.66 -13.54 4.94
C GLY A 263 -16.59 -13.95 3.82
N GLN A 264 -17.70 -14.62 4.19
CA GLN A 264 -18.57 -15.26 3.19
C GLN A 264 -19.81 -14.47 2.86
N VAL A 265 -20.09 -13.52 3.74
CA VAL A 265 -21.31 -12.73 3.72
C VAL A 265 -20.97 -11.30 3.30
N TRP A 266 -21.42 -10.92 2.13
CA TRP A 266 -21.09 -9.63 1.60
C TRP A 266 -22.05 -8.49 2.02
N GLU A 267 -23.31 -8.82 2.26
CA GLU A 267 -24.29 -7.81 2.58
C GLU A 267 -24.41 -7.75 4.08
N LEU A 268 -24.52 -6.51 4.56
CA LEU A 268 -24.66 -6.24 5.96
C LEU A 268 -26.04 -6.67 6.46
N LYS A 269 -27.05 -6.44 5.63
CA LYS A 269 -28.41 -6.85 5.96
C LYS A 269 -28.47 -8.35 6.26
N ASP A 270 -27.72 -9.15 5.50
CA ASP A 270 -27.66 -10.63 5.66
C ASP A 270 -26.87 -11.03 6.91
N ALA A 271 -25.95 -10.15 7.34
CA ALA A 271 -25.13 -10.43 8.52
C ALA A 271 -25.96 -10.19 9.76
N VAL A 272 -26.68 -9.08 9.75
CA VAL A 272 -27.66 -8.75 10.78
C VAL A 272 -28.72 -9.89 10.96
N ALA A 273 -29.25 -10.40 9.85
CA ALA A 273 -30.27 -11.45 9.91
C ALA A 273 -29.68 -12.76 10.45
N ILE A 274 -28.56 -13.17 9.88
CA ILE A 274 -27.84 -14.31 10.40
C ILE A 274 -27.58 -14.20 11.91
N MET A 275 -27.31 -12.98 12.41
CA MET A 275 -27.02 -12.78 13.83
C MET A 275 -28.24 -12.85 14.72
N GLY A 276 -29.38 -12.31 14.25
CA GLY A 276 -30.66 -12.50 14.96
C GLY A 276 -31.03 -13.98 15.14
N ASN A 277 -30.92 -14.73 14.05
CA ASN A 277 -31.21 -16.14 14.06
C ASN A 277 -30.26 -16.94 14.92
N ALA A 278 -28.96 -16.82 14.60
CA ALA A 278 -27.93 -17.55 15.30
C ALA A 278 -27.87 -17.27 16.78
N GLN A 279 -27.97 -15.99 17.16
CA GLN A 279 -27.58 -15.58 18.50
C GLN A 279 -28.77 -15.29 19.40
N LEU A 280 -29.90 -15.00 18.76
CA LEU A 280 -31.09 -14.54 19.47
C LEU A 280 -32.35 -15.40 19.22
N GLY A 281 -32.29 -16.27 18.21
CA GLY A 281 -33.42 -17.11 17.80
C GLY A 281 -34.58 -16.27 17.29
N LYS A 282 -34.28 -15.07 16.82
CA LYS A 282 -35.27 -14.09 16.38
C LYS A 282 -35.09 -13.79 14.89
N GLN A 283 -36.07 -14.17 14.06
CA GLN A 283 -36.10 -13.69 12.67
C GLN A 283 -36.56 -12.26 12.72
N LEU A 284 -35.66 -11.34 12.40
CA LEU A 284 -35.93 -9.92 12.43
C LEU A 284 -36.81 -9.53 11.26
N ALA A 285 -37.78 -8.66 11.53
CA ALA A 285 -38.63 -8.03 10.53
C ALA A 285 -37.76 -7.32 9.51
N PRO A 286 -38.20 -7.27 8.24
CA PRO A 286 -37.49 -6.47 7.22
C PRO A 286 -37.10 -5.08 7.72
N ASP A 287 -37.97 -4.48 8.53
CA ASP A 287 -37.78 -3.12 9.04
C ASP A 287 -36.70 -3.06 10.10
N ASP A 288 -36.71 -4.00 11.03
CA ASP A 288 -35.69 -4.07 12.07
C ASP A 288 -34.34 -4.21 11.37
N VAL A 289 -34.25 -5.16 10.43
CA VAL A 289 -33.05 -5.40 9.64
C VAL A 289 -32.52 -4.11 8.99
N GLU A 290 -33.30 -3.46 8.14
CA GLU A 290 -32.87 -2.19 7.51
C GLU A 290 -32.51 -1.13 8.55
N ASN A 291 -33.33 -0.97 9.59
CA ASN A 291 -33.05 0.03 10.62
C ASN A 291 -31.76 -0.26 11.42
N ILE A 292 -31.53 -1.53 11.75
CA ILE A 292 -30.24 -1.93 12.32
C ILE A 292 -29.06 -1.67 11.35
N VAL A 293 -29.23 -1.92 10.06
CA VAL A 293 -28.15 -1.63 9.10
C VAL A 293 -27.80 -0.15 9.11
N ALA A 294 -28.84 0.68 9.12
CA ALA A 294 -28.70 2.13 9.18
C ALA A 294 -27.94 2.50 10.43
N PHE A 295 -28.34 1.97 11.58
CA PHE A 295 -27.62 2.26 12.83
C PHE A 295 -26.15 1.86 12.73
N LEU A 296 -25.87 0.67 12.20
CA LEU A 296 -24.49 0.26 11.96
C LEU A 296 -23.70 1.23 11.07
N HIS A 297 -24.38 1.97 10.19
CA HIS A 297 -23.65 2.94 9.36
C HIS A 297 -23.21 4.11 10.17
N SER A 298 -23.99 4.44 11.18
CA SER A 298 -23.62 5.45 12.16
C SER A 298 -22.35 5.08 12.92
N LEU A 299 -21.83 3.87 12.74
CA LEU A 299 -20.65 3.38 13.50
C LEU A 299 -19.35 3.68 12.79
N SER A 300 -19.44 4.30 11.65
CA SER A 300 -18.21 4.50 10.95
C SER A 300 -17.69 5.91 11.30
N GLY A 301 -16.42 5.96 11.72
CA GLY A 301 -15.79 7.14 12.31
C GLY A 301 -14.90 7.82 11.31
N LYS A 302 -14.32 8.94 11.78
CA LYS A 302 -13.34 9.70 11.05
C LYS A 302 -12.12 8.86 10.86
N GLN A 303 -11.84 8.57 9.59
CA GLN A 303 -10.72 7.72 9.27
C GLN A 303 -9.43 8.48 9.58
N PRO A 304 -8.46 7.79 10.19
CA PRO A 304 -7.17 8.47 10.46
C PRO A 304 -6.45 8.88 9.15
N ARG A 305 -5.84 10.07 9.17
CA ARG A 305 -5.11 10.60 8.03
C ARG A 305 -3.71 10.05 8.07
N VAL A 306 -3.36 9.21 7.12
CA VAL A 306 -2.05 8.60 7.12
C VAL A 306 -1.18 9.26 6.06
N GLU A 307 -0.08 9.83 6.49
CA GLU A 307 0.93 10.32 5.55
C GLU A 307 1.86 9.17 5.34
N TYR A 308 1.99 8.75 4.08
CA TYR A 308 2.78 7.56 3.74
C TYR A 308 4.21 7.79 4.20
N PRO A 309 4.76 6.81 4.94
CA PRO A 309 6.11 6.94 5.44
C PRO A 309 7.15 6.85 4.33
N LEU A 310 8.27 7.54 4.50
CA LEU A 310 9.40 7.32 3.62
C LEU A 310 10.22 6.20 4.18
N LEU A 311 10.40 5.15 3.40
CA LEU A 311 11.19 4.05 3.88
C LEU A 311 12.58 4.18 3.32
N PRO A 312 13.56 3.91 4.17
CA PRO A 312 14.99 3.94 3.81
C PRO A 312 15.40 2.86 2.79
N ALA A 313 16.36 3.20 1.93
CA ALA A 313 16.87 2.24 0.96
C ALA A 313 17.53 1.01 1.61
N SER A 314 17.27 -0.13 1.00
CA SER A 314 18.11 -1.29 1.20
C SER A 314 19.60 -1.03 0.88
N THR A 315 20.45 -1.79 1.57
CA THR A 315 21.88 -1.67 1.44
C THR A 315 22.42 -3.02 1.01
N GLU A 316 23.75 -3.11 0.92
CA GLU A 316 24.40 -4.31 0.42
C GLU A 316 24.14 -5.55 1.29
N THR A 317 23.90 -5.34 2.58
CA THR A 317 23.71 -6.46 3.47
C THR A 317 22.26 -6.78 3.76
N THR A 318 21.34 -6.07 3.10
CA THR A 318 19.89 -6.27 3.24
C THR A 318 19.52 -7.60 2.59
N PRO A 319 18.86 -8.50 3.34
CA PRO A 319 18.58 -9.77 2.65
C PRO A 319 17.71 -9.55 1.41
N ARG A 320 17.79 -10.47 0.45
CA ARG A 320 17.07 -10.28 -0.78
C ARG A 320 15.70 -10.97 -0.76
N PRO A 321 14.71 -10.45 -1.54
CA PRO A 321 13.41 -11.12 -1.70
C PRO A 321 13.62 -12.59 -2.08
N ALA A 322 12.84 -13.47 -1.45
CA ALA A 322 12.90 -14.91 -1.71
C ALA A 322 11.52 -15.59 -1.59
N GLU A 323 11.47 -16.91 -1.87
CA GLU A 323 10.31 -17.79 -1.54
C GLU A 323 10.51 -18.64 -0.26
N ASP B 1 32.07 27.36 -12.31
CA ASP B 1 33.34 26.87 -12.91
C ASP B 1 33.08 25.95 -14.12
N ALA B 2 34.13 25.47 -14.76
CA ALA B 2 34.00 24.71 -16.01
C ALA B 2 33.15 23.45 -15.86
N LEU B 3 33.33 22.73 -14.75
CA LEU B 3 32.56 21.51 -14.53
C LEU B 3 31.07 21.85 -14.47
N HIS B 4 30.75 22.95 -13.79
CA HIS B 4 29.37 23.39 -13.65
C HIS B 4 28.75 23.80 -14.99
N ASP B 5 29.52 24.50 -15.81
CA ASP B 5 29.08 24.92 -17.13
C ASP B 5 28.84 23.72 -18.04
N GLN B 6 29.69 22.70 -17.90
CA GLN B 6 29.60 21.46 -18.70
C GLN B 6 28.31 20.72 -18.31
N ALA B 7 28.08 20.58 -17.01
CA ALA B 7 26.85 20.02 -16.46
C ALA B 7 25.56 20.78 -16.86
N SER B 8 25.55 22.11 -16.79
CA SER B 8 24.40 22.93 -17.20
C SER B 8 23.99 22.77 -18.67
N ALA B 9 24.98 22.48 -19.53
CA ALA B 9 24.78 22.21 -20.96
C ALA B 9 24.11 20.86 -21.27
N LEU B 10 24.14 19.92 -20.32
CA LEU B 10 23.59 18.60 -20.59
C LEU B 10 22.40 18.24 -19.68
N PHE B 11 22.34 18.82 -18.49
CA PHE B 11 21.32 18.45 -17.50
C PHE B 11 20.46 19.62 -17.04
N LYS B 12 19.22 19.30 -16.68
CA LYS B 12 18.28 20.29 -16.18
C LYS B 12 17.64 19.74 -14.91
N PRO B 13 17.37 20.62 -13.93
CA PRO B 13 16.68 20.22 -12.70
C PRO B 13 15.22 19.83 -12.92
N ILE B 14 14.74 18.93 -12.06
CA ILE B 14 13.33 18.70 -11.87
C ILE B 14 12.70 19.97 -11.30
N PRO B 15 11.58 20.42 -11.91
CA PRO B 15 10.80 21.54 -11.41
C PRO B 15 10.21 21.20 -10.04
N GLU B 16 9.86 22.24 -9.29
CA GLU B 16 9.37 22.10 -7.93
C GLU B 16 8.02 21.42 -7.90
N GLN B 17 7.21 21.70 -8.92
CA GLN B 17 5.95 21.03 -9.16
C GLN B 17 5.57 21.04 -10.64
N VAL B 18 4.54 20.29 -10.96
CA VAL B 18 3.98 20.21 -12.30
C VAL B 18 2.51 20.49 -12.14
N THR B 19 2.04 21.52 -12.84
CA THR B 19 0.68 22.02 -12.72
C THR B 19 0.01 22.05 -14.11
N GLU B 20 0.82 21.83 -15.14
CA GLU B 20 0.37 21.88 -16.53
C GLU B 20 0.85 20.60 -17.23
N LEU B 21 0.10 20.18 -18.25
CA LEU B 21 0.42 18.99 -19.02
C LEU B 21 -0.22 19.14 -20.40
N ARG B 22 0.56 18.87 -21.43
CA ARG B 22 0.13 19.13 -22.81
C ARG B 22 -0.49 20.50 -23.02
N GLY B 23 0.10 21.52 -22.38
CA GLY B 23 -0.34 22.90 -22.52
C GLY B 23 -1.65 23.20 -21.81
N GLN B 24 -2.21 22.21 -21.12
CA GLN B 24 -3.44 22.42 -20.34
C GLN B 24 -3.18 22.30 -18.84
N PRO B 25 -3.86 23.14 -18.02
CA PRO B 25 -3.83 23.02 -16.55
C PRO B 25 -4.22 21.62 -16.09
N ILE B 26 -3.56 21.11 -15.09
CA ILE B 26 -4.04 19.87 -14.47
C ILE B 26 -5.18 20.25 -13.55
N SER B 27 -6.35 19.61 -13.69
CA SER B 27 -7.42 19.89 -12.71
C SER B 27 -7.14 19.21 -11.40
N GLU B 28 -7.36 19.95 -10.32
CA GLU B 28 -7.22 19.37 -9.00
C GLU B 28 -8.10 18.16 -8.83
N GLN B 29 -9.29 18.23 -9.40
CA GLN B 29 -10.28 17.16 -9.24
C GLN B 29 -9.84 15.86 -9.90
N GLN B 30 -9.21 15.99 -11.09
CA GLN B 30 -8.64 14.86 -11.82
C GLN B 30 -7.46 14.29 -11.08
N ARG B 31 -6.63 15.20 -10.60
CA ARG B 31 -5.46 14.84 -9.81
C ARG B 31 -5.91 14.03 -8.56
N GLU B 32 -6.87 14.57 -7.79
CA GLU B 32 -7.32 13.94 -6.56
C GLU B 32 -8.03 12.61 -6.82
N LEU B 33 -8.66 12.48 -7.98
CA LEU B 33 -9.34 11.25 -8.33
C LEU B 33 -8.32 10.18 -8.73
N GLY B 34 -7.31 10.62 -9.49
CA GLY B 34 -6.17 9.82 -9.91
C GLY B 34 -5.45 9.22 -8.71
N LYS B 35 -5.30 9.98 -7.64
CA LYS B 35 -4.68 9.43 -6.42
C LYS B 35 -5.52 8.33 -5.80
N LYS B 36 -6.84 8.48 -5.82
CA LYS B 36 -7.70 7.44 -5.32
C LYS B 36 -7.52 6.16 -6.15
N LEU B 37 -7.46 6.33 -7.47
CA LEU B 37 -7.38 5.19 -8.39
C LEU B 37 -6.05 4.50 -8.29
N PHE B 38 -4.98 5.28 -8.19
CA PHE B 38 -3.63 4.75 -8.00
C PHE B 38 -3.54 3.77 -6.82
N PHE B 39 -4.30 4.05 -5.75
CA PHE B 39 -4.27 3.27 -4.53
C PHE B 39 -5.40 2.23 -4.35
N ASP B 40 -6.35 2.16 -5.28
CA ASP B 40 -7.52 1.34 -5.11
C ASP B 40 -7.27 -0.05 -5.69
N PRO B 41 -7.20 -1.07 -4.81
CA PRO B 41 -6.97 -2.41 -5.28
C PRO B 41 -8.13 -3.04 -6.06
N ARG B 42 -9.33 -2.48 -5.96
CA ARG B 42 -10.49 -2.98 -6.68
C ARG B 42 -10.40 -2.68 -8.21
N LEU B 43 -9.29 -2.08 -8.64
CA LEU B 43 -9.02 -1.95 -10.08
C LEU B 43 -8.39 -3.24 -10.64
N SER B 44 -7.88 -4.09 -9.73
CA SER B 44 -7.43 -5.43 -10.05
C SER B 44 -8.59 -6.41 -9.88
N ARG B 45 -8.59 -7.44 -10.72
CA ARG B 45 -9.60 -8.49 -10.57
C ARG B 45 -9.69 -9.08 -9.16
N SER B 46 -8.52 -9.24 -8.52
CA SER B 46 -8.38 -9.93 -7.24
C SER B 46 -8.72 -9.05 -6.06
N HIS B 47 -8.75 -7.72 -6.32
CA HIS B 47 -8.93 -6.71 -5.27
C HIS B 47 -7.75 -6.59 -4.32
N VAL B 48 -6.58 -7.14 -4.68
CA VAL B 48 -5.42 -7.07 -3.79
C VAL B 48 -4.21 -6.31 -4.36
N LEU B 49 -4.31 -5.93 -5.64
CA LEU B 49 -3.27 -5.18 -6.33
C LEU B 49 -3.74 -3.75 -6.72
N SER B 50 -2.97 -2.76 -6.30
CA SER B 50 -3.15 -1.41 -6.83
C SER B 50 -1.87 -1.04 -7.56
N CYS B 51 -1.82 0.15 -8.14
CA CYS B 51 -0.61 0.65 -8.76
C CYS B 51 0.49 0.76 -7.70
N ASN B 52 0.14 1.27 -6.54
CA ASN B 52 1.07 1.39 -5.44
C ASN B 52 1.77 0.07 -5.04
N THR B 53 1.11 -1.05 -5.23
CA THR B 53 1.72 -2.35 -5.00
C THR B 53 3.06 -2.52 -5.71
N CYS B 54 3.09 -2.21 -7.00
CA CYS B 54 4.29 -2.40 -7.81
C CYS B 54 5.12 -1.11 -7.93
N HIS B 55 4.56 -0.02 -7.44
CA HIS B 55 5.17 1.29 -7.62
C HIS B 55 5.09 2.01 -6.28
N ASN B 56 5.57 1.34 -5.26
CA ASN B 56 5.38 1.77 -3.88
C ASN B 56 5.89 3.18 -3.57
N VAL B 57 5.01 4.12 -3.21
CA VAL B 57 5.48 5.50 -2.95
C VAL B 57 6.49 5.60 -1.78
N GLY B 58 6.51 4.58 -0.91
CA GLY B 58 7.43 4.58 0.22
C GLY B 58 8.85 4.14 -0.11
N THR B 59 9.05 3.52 -1.28
CA THR B 59 10.32 2.95 -1.60
C THR B 59 10.70 3.38 -3.00
N GLY B 60 10.69 4.70 -3.23
CA GLY B 60 11.19 5.28 -4.47
C GLY B 60 10.22 5.22 -5.63
N GLY B 61 9.01 4.69 -5.39
CA GLY B 61 8.00 4.57 -6.43
C GLY B 61 8.16 3.32 -7.29
N ALA B 62 8.88 2.31 -6.77
CA ALA B 62 9.13 1.01 -7.43
C ALA B 62 8.97 -0.09 -6.35
N ASP B 63 8.73 -1.35 -6.74
CA ASP B 63 8.60 -2.42 -5.70
C ASP B 63 9.92 -2.94 -5.16
N ASN B 64 10.98 -2.82 -5.97
CA ASN B 64 12.33 -3.17 -5.54
C ASN B 64 12.45 -4.67 -5.29
N VAL B 65 11.86 -5.39 -6.21
CA VAL B 65 11.87 -6.85 -6.27
C VAL B 65 12.39 -7.09 -7.72
N PRO B 66 13.06 -8.23 -8.01
CA PRO B 66 13.65 -8.36 -9.36
C PRO B 66 12.69 -8.07 -10.53
N THR B 67 11.63 -8.87 -10.62
CA THR B 67 10.48 -8.56 -11.48
C THR B 67 9.20 -8.62 -10.63
N SER B 68 8.23 -7.80 -10.99
CA SER B 68 7.01 -7.65 -10.18
C SER B 68 6.20 -8.94 -10.01
N VAL B 69 5.58 -9.03 -8.83
CA VAL B 69 4.74 -10.12 -8.49
C VAL B 69 3.31 -9.59 -8.61
N GLY B 70 2.55 -10.20 -9.53
CA GLY B 70 1.17 -9.79 -9.82
C GLY B 70 0.09 -10.81 -9.52
N HIS B 71 -0.96 -10.82 -10.33
CA HIS B 71 -2.10 -11.68 -10.11
C HIS B 71 -1.71 -13.16 -9.93
N GLY B 72 -2.22 -13.78 -8.87
CA GLY B 72 -1.89 -15.19 -8.55
C GLY B 72 -0.41 -15.46 -8.25
N TRP B 73 0.30 -14.40 -7.84
CA TRP B 73 1.76 -14.42 -7.55
C TRP B 73 2.61 -14.75 -8.78
N GLN B 74 2.12 -14.41 -9.96
CA GLN B 74 2.85 -14.63 -11.20
C GLN B 74 3.95 -13.58 -11.32
N LYS B 75 5.20 -14.01 -11.48
CA LYS B 75 6.32 -13.08 -11.71
C LYS B 75 6.31 -12.62 -13.18
N GLY B 76 6.46 -11.31 -13.37
CA GLY B 76 6.57 -10.74 -14.72
C GLY B 76 7.95 -10.89 -15.32
N PRO B 77 8.12 -10.50 -16.61
CA PRO B 77 9.42 -10.56 -17.29
C PRO B 77 10.38 -9.44 -16.87
N ARG B 78 9.82 -8.32 -16.41
CA ARG B 78 10.54 -7.07 -16.21
C ARG B 78 10.44 -6.45 -14.79
N ASN B 79 11.47 -5.71 -14.44
CA ASN B 79 11.57 -4.91 -13.23
C ASN B 79 10.71 -3.63 -13.36
N SER B 80 9.96 -3.28 -12.31
CA SER B 80 9.11 -2.12 -12.40
C SER B 80 9.83 -0.81 -12.14
N PRO B 81 9.77 0.13 -13.11
CA PRO B 81 10.42 1.39 -12.91
C PRO B 81 9.64 2.28 -11.96
N THR B 82 10.27 3.33 -11.50
CA THR B 82 9.55 4.27 -10.65
C THR B 82 8.54 5.05 -11.51
N VAL B 83 7.43 5.42 -10.89
CA VAL B 83 6.46 6.33 -11.50
C VAL B 83 6.86 7.77 -11.25
N PHE B 84 7.85 7.99 -10.37
CA PHE B 84 8.30 9.36 -10.14
C PHE B 84 9.02 9.92 -11.35
N ASN B 85 8.61 11.13 -11.73
CA ASN B 85 9.21 11.88 -12.83
C ASN B 85 8.92 11.28 -14.20
N ALA B 86 8.12 10.21 -14.23
CA ALA B 86 7.83 9.50 -15.48
C ALA B 86 7.18 10.42 -16.55
N VAL B 87 6.51 11.47 -16.11
CA VAL B 87 5.97 12.48 -17.01
C VAL B 87 6.95 13.06 -18.00
N PHE B 88 8.22 13.14 -17.62
CA PHE B 88 9.17 13.81 -18.48
C PHE B 88 9.75 12.90 -19.56
N ASN B 89 9.45 11.61 -19.50
CA ASN B 89 10.02 10.66 -20.46
C ASN B 89 9.25 10.66 -21.78
N ALA B 90 9.99 10.53 -22.88
CA ALA B 90 9.41 10.64 -24.23
C ALA B 90 8.33 9.60 -24.48
N ALA B 91 8.54 8.40 -23.92
CA ALA B 91 7.63 7.29 -23.97
C ALA B 91 7.73 6.53 -22.63
N GLN B 92 6.81 5.57 -22.42
CA GLN B 92 6.72 4.79 -21.16
C GLN B 92 6.97 3.31 -21.40
N PHE B 93 7.39 2.62 -20.34
CA PHE B 93 7.79 1.21 -20.41
C PHE B 93 9.27 1.11 -20.91
N TRP B 94 9.92 -0.01 -20.62
CA TRP B 94 11.29 -0.28 -21.01
C TRP B 94 11.47 -0.32 -22.54
N ASP B 95 10.38 -0.54 -23.27
CA ASP B 95 10.47 -0.66 -24.75
C ASP B 95 9.71 0.46 -25.49
N GLY B 96 9.29 1.49 -24.73
CA GLY B 96 8.63 2.68 -25.25
C GLY B 96 7.30 2.52 -25.97
N ARG B 97 6.55 1.46 -25.65
CA ARG B 97 5.31 1.10 -26.38
C ARG B 97 4.08 2.00 -26.07
N ALA B 98 4.06 2.64 -24.90
CA ALA B 98 3.04 3.61 -24.57
C ALA B 98 3.56 5.03 -24.71
N LYS B 99 2.74 5.89 -25.29
CA LYS B 99 3.08 7.25 -25.63
C LYS B 99 3.27 8.10 -24.39
N ASP B 100 2.41 7.91 -23.38
CA ASP B 100 2.35 8.82 -22.22
C ASP B 100 1.74 8.09 -21.04
N LEU B 101 1.56 8.78 -19.92
CA LEU B 101 1.04 8.09 -18.73
C LEU B 101 -0.40 7.57 -18.84
N GLY B 102 -1.21 8.29 -19.61
CA GLY B 102 -2.62 7.96 -19.79
C GLY B 102 -2.73 6.66 -20.57
N GLU B 103 -1.98 6.58 -21.66
CA GLU B 103 -2.00 5.40 -22.47
C GLU B 103 -1.35 4.24 -21.69
N GLN B 104 -0.29 4.54 -20.94
CA GLN B 104 0.41 3.51 -20.17
C GLN B 104 -0.57 2.86 -19.20
N ALA B 105 -1.41 3.66 -18.55
CA ALA B 105 -2.20 3.20 -17.37
C ALA B 105 -3.13 2.04 -17.70
N LYS B 106 -3.57 1.98 -18.95
CA LYS B 106 -4.50 0.96 -19.38
C LYS B 106 -3.84 -0.42 -19.46
N GLY B 107 -2.51 -0.43 -19.66
CA GLY B 107 -1.71 -1.64 -19.77
C GLY B 107 -1.81 -2.51 -18.53
N PRO B 108 -1.32 -2.01 -17.37
CA PRO B 108 -1.36 -2.80 -16.14
C PRO B 108 -2.74 -3.32 -15.74
N ILE B 109 -3.79 -2.51 -15.92
CA ILE B 109 -5.13 -2.99 -15.62
C ILE B 109 -5.46 -4.32 -16.29
N GLN B 110 -5.09 -4.46 -17.58
CA GLN B 110 -5.48 -5.60 -18.42
C GLN B 110 -4.44 -6.71 -18.54
N ASN B 111 -3.23 -6.46 -18.05
CA ASN B 111 -2.17 -7.44 -18.05
C ASN B 111 -2.49 -8.64 -17.14
N SER B 112 -2.51 -9.83 -17.75
CA SER B 112 -2.78 -11.09 -17.04
C SER B 112 -1.79 -11.39 -15.91
N VAL B 113 -0.53 -10.97 -16.05
CA VAL B 113 0.42 -11.15 -14.94
C VAL B 113 0.46 -9.99 -13.93
N GLU B 114 -0.35 -8.95 -14.14
CA GLU B 114 -0.40 -7.80 -13.24
C GLU B 114 -1.80 -7.71 -12.61
N MET B 115 -2.63 -6.79 -13.10
CA MET B 115 -3.96 -6.62 -12.48
C MET B 115 -5.05 -7.60 -12.97
N HIS B 116 -4.85 -8.21 -14.15
CA HIS B 116 -5.76 -9.24 -14.67
C HIS B 116 -7.22 -8.80 -14.79
N SER B 117 -7.44 -7.53 -15.16
CA SER B 117 -8.80 -7.00 -15.27
C SER B 117 -9.18 -6.60 -16.71
N THR B 118 -10.23 -5.78 -16.84
CA THR B 118 -10.76 -5.39 -18.19
C THR B 118 -11.43 -4.02 -18.06
N PRO B 119 -11.44 -3.25 -19.16
CA PRO B 119 -12.20 -1.96 -19.11
C PRO B 119 -13.65 -2.12 -18.60
N GLN B 120 -14.29 -3.22 -18.94
CA GLN B 120 -15.66 -3.46 -18.60
C GLN B 120 -15.79 -3.69 -17.09
N LEU B 121 -14.87 -4.49 -16.54
CA LEU B 121 -14.84 -4.76 -15.11
C LEU B 121 -14.52 -3.52 -14.31
N VAL B 122 -13.58 -2.71 -14.80
CA VAL B 122 -13.26 -1.43 -14.15
C VAL B 122 -14.47 -0.51 -14.10
N GLU B 123 -15.18 -0.40 -15.23
CA GLU B 123 -16.30 0.55 -15.32
C GLU B 123 -17.48 0.13 -14.45
N GLN B 124 -17.73 -1.17 -14.43
CA GLN B 124 -18.71 -1.77 -13.55
C GLN B 124 -18.35 -1.41 -12.10
N THR B 125 -17.07 -1.56 -11.77
CA THR B 125 -16.53 -1.30 -10.44
C THR B 125 -16.68 0.15 -10.00
N LEU B 126 -16.20 1.08 -10.83
CA LEU B 126 -16.35 2.51 -10.53
C LEU B 126 -17.80 3.00 -10.56
N GLY B 127 -18.58 2.53 -11.56
CA GLY B 127 -20.00 2.87 -11.65
C GLY B 127 -20.83 2.45 -10.45
N SER B 128 -20.34 1.50 -9.65
CA SER B 128 -21.11 0.88 -8.58
C SER B 128 -21.01 1.64 -7.25
N ILE B 129 -20.04 2.54 -7.20
CA ILE B 129 -19.75 3.33 -6.02
C ILE B 129 -20.14 4.79 -6.30
N PRO B 130 -21.22 5.29 -5.64
CA PRO B 130 -21.72 6.65 -5.82
C PRO B 130 -20.67 7.74 -5.66
N GLU B 131 -19.77 7.61 -4.69
CA GLU B 131 -18.67 8.57 -4.57
C GLU B 131 -17.83 8.67 -5.84
N TYR B 132 -17.57 7.52 -6.47
CA TYR B 132 -16.78 7.50 -7.72
C TYR B 132 -17.54 8.09 -8.89
N VAL B 133 -18.80 7.68 -9.05
CA VAL B 133 -19.70 8.30 -10.03
C VAL B 133 -19.67 9.84 -9.86
N ASP B 134 -19.92 10.34 -8.65
CA ASP B 134 -19.93 11.80 -8.46
C ASP B 134 -18.58 12.40 -8.86
N ALA B 135 -17.50 11.75 -8.43
CA ALA B 135 -16.15 12.29 -8.58
C ALA B 135 -15.73 12.38 -10.05
N PHE B 136 -16.11 11.37 -10.84
CA PHE B 136 -15.92 11.41 -12.28
C PHE B 136 -16.77 12.47 -12.93
N ARG B 137 -18.01 12.63 -12.44
CA ARG B 137 -18.89 13.62 -13.04
C ARG B 137 -18.31 15.03 -12.89
N LYS B 138 -17.62 15.27 -11.78
CA LYS B 138 -17.04 16.56 -11.50
C LYS B 138 -15.65 16.73 -12.07
N ALA B 139 -14.92 15.63 -12.20
CA ALA B 139 -13.54 15.68 -12.73
C ALA B 139 -13.57 15.78 -14.23
N PHE B 140 -14.60 15.19 -14.83
CA PHE B 140 -14.72 15.09 -16.28
C PHE B 140 -16.05 15.68 -16.73
N PRO B 141 -16.23 17.02 -16.51
CA PRO B 141 -17.52 17.64 -16.67
C PRO B 141 -17.86 17.90 -18.15
N LYS B 142 -16.92 17.65 -19.06
CA LYS B 142 -17.14 17.86 -20.49
C LYS B 142 -17.27 16.50 -21.20
N ALA B 143 -17.28 15.41 -20.45
CA ALA B 143 -17.42 14.07 -21.06
C ALA B 143 -18.88 13.61 -21.15
N GLY B 144 -19.29 13.11 -22.31
CA GLY B 144 -20.58 12.48 -22.45
C GLY B 144 -20.72 11.30 -21.51
N LYS B 145 -19.58 10.67 -21.23
CA LYS B 145 -19.53 9.49 -20.31
C LYS B 145 -18.39 9.73 -19.32
N PRO B 146 -18.68 10.40 -18.19
CA PRO B 146 -17.64 10.68 -17.20
C PRO B 146 -16.94 9.43 -16.65
N VAL B 147 -17.71 8.44 -16.19
CA VAL B 147 -17.10 7.21 -15.72
C VAL B 147 -16.81 6.37 -16.94
N SER B 148 -15.55 6.41 -17.37
CA SER B 148 -15.14 5.53 -18.43
C SER B 148 -13.72 5.07 -18.12
N PHE B 149 -13.31 4.04 -18.87
CA PHE B 149 -11.95 3.53 -18.82
C PHE B 149 -10.96 4.57 -19.29
N ASP B 150 -11.30 5.28 -20.34
CA ASP B 150 -10.43 6.36 -20.85
C ASP B 150 -10.19 7.42 -19.79
N ASN B 151 -11.23 7.82 -19.08
CA ASN B 151 -11.15 8.82 -18.02
C ASN B 151 -10.42 8.38 -16.79
N MET B 152 -10.55 7.09 -16.47
CA MET B 152 -9.78 6.49 -15.38
C MET B 152 -8.29 6.74 -15.66
N ALA B 153 -7.87 6.34 -16.85
CA ALA B 153 -6.49 6.52 -17.30
C ALA B 153 -6.03 7.98 -17.31
N LEU B 154 -6.87 8.89 -17.82
CA LEU B 154 -6.60 10.34 -17.77
C LEU B 154 -6.49 10.89 -16.34
N ALA B 155 -7.27 10.36 -15.40
CA ALA B 155 -7.18 10.77 -13.98
C ALA B 155 -5.86 10.32 -13.32
N ILE B 156 -5.54 9.04 -13.47
CA ILE B 156 -4.25 8.47 -13.05
C ILE B 156 -3.04 9.30 -13.58
N GLU B 157 -2.97 9.52 -14.90
CA GLU B 157 -1.97 10.37 -15.47
C GLU B 157 -1.88 11.73 -14.76
N ALA B 158 -3.00 12.39 -14.56
CA ALA B 158 -2.98 13.75 -13.94
C ALA B 158 -2.37 13.73 -12.51
N TYR B 159 -2.61 12.63 -11.80
CA TYR B 159 -2.02 12.45 -10.48
C TYR B 159 -0.51 12.17 -10.58
N GLU B 160 -0.16 11.18 -11.43
CA GLU B 160 1.24 10.77 -11.67
C GLU B 160 2.13 11.89 -12.14
N ALA B 161 1.64 12.66 -13.09
CA ALA B 161 2.30 13.90 -13.57
C ALA B 161 2.85 14.76 -12.44
N THR B 162 2.16 14.74 -11.29
CA THR B 162 2.55 15.58 -10.15
C THR B 162 3.59 14.90 -9.19
N LEU B 163 3.84 13.62 -9.39
CA LEU B 163 4.84 12.92 -8.54
C LEU B 163 6.28 13.17 -9.02
N VAL B 164 6.85 14.30 -8.60
CA VAL B 164 8.19 14.66 -9.00
C VAL B 164 9.11 14.69 -7.81
N THR B 165 10.42 14.63 -8.04
CA THR B 165 11.36 14.65 -6.91
C THR B 165 12.40 15.74 -7.07
N PRO B 166 12.01 16.99 -6.77
CA PRO B 166 13.01 18.08 -6.93
C PRO B 166 14.07 18.16 -5.81
N ASP B 167 15.07 19.00 -6.02
CA ASP B 167 16.04 19.38 -5.00
C ASP B 167 16.90 18.25 -4.48
N SER B 168 17.21 17.32 -5.38
CA SER B 168 18.25 16.35 -5.16
C SER B 168 19.52 17.16 -5.08
N PRO B 169 20.56 16.62 -4.39
CA PRO B 169 21.83 17.34 -4.30
C PRO B 169 22.44 17.74 -5.67
N PHE B 170 22.25 16.93 -6.70
CA PHE B 170 22.60 17.31 -8.05
C PHE B 170 21.85 18.56 -8.55
N ASP B 171 20.53 18.58 -8.36
CA ASP B 171 19.69 19.71 -8.79
C ASP B 171 19.96 20.99 -7.99
N LEU B 172 20.37 20.85 -6.73
CA LEU B 172 20.74 22.01 -5.89
C LEU B 172 22.05 22.60 -6.41
N TYR B 173 22.96 21.69 -6.78
CA TYR B 173 24.20 22.00 -7.46
C TYR B 173 23.97 22.79 -8.78
N LEU B 174 23.23 22.20 -9.72
CA LEU B 174 22.85 22.84 -10.97
C LEU B 174 22.29 24.26 -10.78
N LYS B 175 21.45 24.41 -9.76
CA LYS B 175 20.78 25.65 -9.43
C LYS B 175 21.68 26.68 -8.75
N GLY B 176 22.92 26.29 -8.48
CA GLY B 176 23.97 27.26 -8.12
C GLY B 176 24.63 27.09 -6.77
N ASP B 177 24.21 26.08 -6.00
CA ASP B 177 24.95 25.71 -4.80
C ASP B 177 26.12 24.79 -5.18
N ASP B 178 27.31 25.37 -5.26
CA ASP B 178 28.51 24.64 -5.68
C ASP B 178 28.99 23.62 -4.61
N LYS B 179 28.47 23.71 -3.38
CA LYS B 179 28.80 22.74 -2.33
C LYS B 179 27.83 21.56 -2.19
N ALA B 180 26.71 21.59 -2.93
CA ALA B 180 25.68 20.53 -2.86
C ALA B 180 26.17 19.12 -3.27
N LEU B 181 27.14 19.07 -4.19
CA LEU B 181 27.92 17.88 -4.47
C LEU B 181 29.23 17.99 -3.73
N ASP B 182 29.61 16.94 -3.02
CA ASP B 182 30.94 16.87 -2.45
C ASP B 182 31.99 16.49 -3.50
N ALA B 183 33.24 16.43 -3.09
CA ALA B 183 34.35 16.24 -4.01
C ALA B 183 34.31 14.90 -4.76
N GLN B 184 33.84 13.83 -4.11
CA GLN B 184 33.73 12.55 -4.81
C GLN B 184 32.65 12.59 -5.90
N GLN B 185 31.52 13.23 -5.57
CA GLN B 185 30.40 13.42 -6.48
C GLN B 185 30.79 14.27 -7.67
N LYS B 186 31.48 15.39 -7.41
CA LYS B 186 32.01 16.22 -8.47
C LYS B 186 32.85 15.39 -9.47
N LYS B 187 33.75 14.57 -8.96
CA LYS B 187 34.56 13.62 -9.74
C LYS B 187 33.71 12.59 -10.51
N GLY B 188 32.71 12.05 -9.82
CA GLY B 188 31.77 11.13 -10.44
C GLY B 188 31.05 11.74 -11.63
N LEU B 189 30.52 12.95 -11.43
CA LEU B 189 29.90 13.75 -12.49
C LEU B 189 30.84 13.94 -13.67
N LYS B 190 32.09 14.33 -13.39
CA LYS B 190 33.09 14.56 -14.41
C LYS B 190 33.34 13.29 -15.22
N ALA B 191 33.45 12.15 -14.53
CA ALA B 191 33.70 10.85 -15.16
C ALA B 191 32.49 10.42 -15.99
N PHE B 192 31.30 10.76 -15.48
CA PHE B 192 30.05 10.40 -16.09
C PHE B 192 29.94 11.04 -17.47
N MET B 193 30.12 12.35 -17.50
CA MET B 193 30.08 13.09 -18.74
C MET B 193 31.22 12.67 -19.70
N ASP B 194 32.47 12.63 -19.21
CA ASP B 194 33.64 12.38 -20.09
C ASP B 194 33.67 10.98 -20.69
N SER B 195 33.23 9.97 -19.94
CA SER B 195 33.17 8.59 -20.46
C SER B 195 32.09 8.44 -21.53
N GLY B 196 31.14 9.38 -21.51
CA GLY B 196 30.05 9.42 -22.49
C GLY B 196 28.74 8.76 -22.02
N CYS B 197 28.65 8.46 -20.71
CA CYS B 197 27.34 8.04 -20.14
C CYS B 197 26.26 9.04 -20.53
N SER B 198 26.62 10.32 -20.57
CA SER B 198 25.65 11.38 -20.80
C SER B 198 25.14 11.48 -22.24
N ALA B 199 25.72 10.68 -23.15
CA ALA B 199 25.24 10.64 -24.53
C ALA B 199 23.83 10.05 -24.58
N CYS B 200 23.60 9.04 -23.74
CA CYS B 200 22.29 8.43 -23.65
C CYS B 200 21.50 8.90 -22.43
N HIS B 201 22.19 9.24 -21.34
CA HIS B 201 21.55 9.64 -20.10
C HIS B 201 21.71 11.13 -19.93
N ASN B 202 20.78 11.90 -20.48
CA ASN B 202 20.84 13.36 -20.33
C ASN B 202 19.51 14.03 -20.02
N GLY B 203 19.54 15.35 -20.08
CA GLY B 203 18.36 16.18 -19.88
C GLY B 203 17.81 16.12 -18.46
N ILE B 204 16.52 16.39 -18.40
CA ILE B 204 15.79 16.48 -17.16
C ILE B 204 15.93 15.21 -16.32
N ASN B 205 15.72 14.04 -16.93
CA ASN B 205 15.71 12.77 -16.21
C ASN B 205 17.00 11.97 -16.30
N LEU B 206 18.04 12.52 -16.97
CA LEU B 206 19.27 11.78 -17.22
C LEU B 206 18.93 10.41 -17.85
N GLY B 207 18.27 10.46 -18.99
CA GLY B 207 17.81 9.24 -19.67
C GLY B 207 16.35 9.40 -19.97
N GLY B 208 15.78 8.36 -20.56
CA GLY B 208 14.33 8.28 -20.74
C GLY B 208 13.79 8.81 -22.04
N GLN B 209 14.68 9.25 -22.94
CA GLN B 209 14.30 10.00 -24.11
C GLN B 209 14.53 9.27 -25.44
N ALA B 210 15.30 8.18 -25.42
CA ALA B 210 15.72 7.51 -26.65
C ALA B 210 16.14 6.05 -26.44
N TYR B 211 16.14 5.27 -27.53
CA TYR B 211 16.32 3.82 -27.39
C TYR B 211 17.68 3.42 -27.90
N PHE B 212 18.34 2.52 -27.17
CA PHE B 212 19.66 2.05 -27.56
C PHE B 212 19.73 0.53 -27.35
N PRO B 213 20.56 -0.20 -28.14
CA PRO B 213 20.83 -1.61 -27.81
C PRO B 213 21.43 -1.70 -26.42
N PHE B 214 21.05 -2.71 -25.67
CA PHE B 214 21.78 -3.08 -24.48
C PHE B 214 22.97 -3.92 -24.98
N GLY B 215 24.10 -3.24 -25.14
CA GLY B 215 25.26 -3.81 -25.75
C GLY B 215 25.53 -3.13 -27.07
N LEU B 216 25.68 -1.80 -27.08
CA LEU B 216 26.06 -1.05 -28.28
C LEU B 216 27.45 -1.46 -28.82
N VAL B 217 28.37 -1.75 -27.90
CA VAL B 217 29.73 -2.22 -28.21
C VAL B 217 29.81 -3.73 -27.92
N LYS B 218 29.89 -4.10 -26.64
CA LYS B 218 29.86 -5.51 -26.24
C LYS B 218 28.50 -5.90 -25.67
N LYS B 219 28.02 -7.07 -26.06
CA LYS B 219 26.78 -7.59 -25.54
C LYS B 219 26.99 -7.86 -24.06
N PRO B 220 26.06 -7.41 -23.19
CA PRO B 220 26.24 -7.76 -21.79
C PRO B 220 26.06 -9.25 -21.57
N ASP B 221 26.34 -9.69 -20.36
CA ASP B 221 26.09 -11.06 -19.92
C ASP B 221 24.61 -11.40 -20.04
N ALA B 222 24.31 -12.65 -20.37
CA ALA B 222 22.94 -13.09 -20.61
C ALA B 222 22.11 -13.15 -19.35
N SER B 223 22.76 -13.01 -18.19
CA SER B 223 22.02 -12.92 -16.92
C SER B 223 21.27 -11.58 -16.86
N VAL B 224 21.92 -10.56 -17.39
CA VAL B 224 21.39 -9.22 -17.46
C VAL B 224 20.52 -8.98 -18.72
N LEU B 225 20.72 -9.83 -19.74
CA LEU B 225 20.00 -9.76 -21.00
C LEU B 225 19.39 -11.11 -21.41
N PRO B 226 18.35 -11.60 -20.69
CA PRO B 226 17.76 -12.90 -21.09
C PRO B 226 17.27 -12.86 -22.53
N SER B 227 17.50 -13.95 -23.24
CA SER B 227 17.25 -14.02 -24.67
C SER B 227 15.76 -13.94 -25.04
N GLY B 228 14.87 -14.21 -24.08
CA GLY B 228 13.44 -14.18 -24.36
C GLY B 228 12.83 -12.78 -24.34
N ASP B 229 13.55 -11.81 -23.80
CA ASP B 229 13.08 -10.44 -23.83
C ASP B 229 13.92 -9.66 -24.85
N LYS B 230 13.30 -9.35 -25.99
CA LYS B 230 14.01 -8.76 -27.09
C LYS B 230 13.79 -7.24 -27.24
N GLY B 231 13.31 -6.59 -26.18
CA GLY B 231 12.98 -5.16 -26.20
C GLY B 231 12.04 -4.69 -27.31
N ARG B 232 12.49 -3.70 -28.10
CA ARG B 232 11.65 -3.02 -29.11
C ARG B 232 11.29 -3.91 -30.28
N PHE B 233 12.11 -4.94 -30.51
CA PHE B 233 11.76 -5.94 -31.50
C PHE B 233 10.30 -6.42 -31.36
N ALA B 234 9.83 -6.68 -30.12
CA ALA B 234 8.38 -7.00 -29.90
C ALA B 234 7.42 -5.86 -30.28
N VAL B 235 7.88 -4.64 -30.15
CA VAL B 235 7.06 -3.49 -30.48
C VAL B 235 6.94 -3.31 -31.99
N THR B 236 8.09 -3.38 -32.66
CA THR B 236 8.22 -2.97 -34.06
C THR B 236 8.30 -4.14 -35.06
N LYS B 237 8.75 -5.29 -34.56
CA LYS B 237 9.10 -6.45 -35.37
C LYS B 237 10.26 -6.14 -36.34
N THR B 238 11.06 -5.12 -36.00
CA THR B 238 12.22 -4.77 -36.80
C THR B 238 13.46 -5.36 -36.15
N GLN B 239 14.16 -6.23 -36.89
CA GLN B 239 15.30 -7.01 -36.40
C GLN B 239 16.38 -6.19 -35.68
N SER B 240 16.73 -5.04 -36.24
CA SER B 240 17.69 -4.12 -35.63
C SER B 240 17.28 -3.60 -34.25
N ASP B 241 16.01 -3.76 -33.89
CA ASP B 241 15.51 -3.40 -32.57
C ASP B 241 15.68 -4.53 -31.56
N GLU B 242 16.29 -5.66 -31.95
CA GLU B 242 16.52 -6.75 -31.03
C GLU B 242 17.43 -6.27 -29.90
N TYR B 243 16.91 -6.39 -28.68
CA TYR B 243 17.61 -5.98 -27.46
C TYR B 243 17.83 -4.47 -27.34
N VAL B 244 16.97 -3.69 -27.98
CA VAL B 244 16.97 -2.26 -27.85
C VAL B 244 15.95 -1.89 -26.75
N PHE B 245 16.42 -1.11 -25.78
CA PHE B 245 15.59 -0.64 -24.68
C PHE B 245 15.75 0.88 -24.58
N ARG B 246 14.79 1.51 -23.92
CA ARG B 246 14.85 2.92 -23.58
C ARG B 246 15.99 3.08 -22.59
N ALA B 247 16.83 4.09 -22.88
CA ALA B 247 17.84 4.53 -21.92
C ALA B 247 17.13 4.83 -20.63
N ALA B 248 17.56 4.20 -19.55
CA ALA B 248 16.90 4.36 -18.26
C ALA B 248 17.08 5.76 -17.68
N PRO B 249 15.98 6.41 -17.28
CA PRO B 249 16.16 7.71 -16.63
C PRO B 249 16.79 7.42 -15.26
N LEU B 250 17.75 8.24 -14.82
CA LEU B 250 18.54 7.87 -13.64
C LEU B 250 18.13 8.54 -12.33
N ARG B 251 17.10 9.35 -12.38
CA ARG B 251 16.59 9.98 -11.18
C ARG B 251 16.23 8.92 -10.14
N ASN B 252 16.67 9.13 -8.89
CA ASN B 252 16.39 8.19 -7.77
C ASN B 252 16.88 6.76 -7.95
N VAL B 253 17.80 6.56 -8.89
CA VAL B 253 18.39 5.24 -9.14
C VAL B 253 18.95 4.56 -7.87
N ALA B 254 19.52 5.36 -6.95
CA ALA B 254 19.99 4.82 -5.63
C ALA B 254 18.90 4.19 -4.82
N LEU B 255 17.64 4.57 -5.10
CA LEU B 255 16.48 4.17 -4.26
C LEU B 255 15.69 3.04 -4.88
N THR B 256 16.14 2.55 -6.03
CA THR B 256 15.35 1.67 -6.85
C THR B 256 16.04 0.39 -7.26
N ALA B 257 17.00 -0.11 -6.48
CA ALA B 257 17.60 -1.41 -6.79
C ALA B 257 16.56 -2.53 -6.70
N PRO B 258 16.66 -3.59 -7.53
CA PRO B 258 17.67 -3.94 -8.53
C PRO B 258 17.51 -3.27 -9.88
N TYR B 259 18.49 -3.50 -10.75
CA TYR B 259 18.73 -2.65 -11.89
C TYR B 259 18.61 -3.36 -13.19
N PHE B 260 18.39 -2.54 -14.24
CA PHE B 260 18.17 -2.95 -15.64
C PHE B 260 16.78 -3.57 -15.78
N HIS B 261 16.29 -3.78 -17.02
CA HIS B 261 14.91 -4.28 -17.23
C HIS B 261 14.63 -5.60 -16.56
N SER B 262 15.71 -6.37 -16.35
CA SER B 262 15.66 -7.73 -15.76
C SER B 262 15.80 -7.83 -14.22
N GLY B 263 16.22 -6.75 -13.57
CA GLY B 263 16.30 -6.71 -12.11
C GLY B 263 17.19 -7.73 -11.42
N GLN B 264 18.26 -8.14 -12.12
CA GLN B 264 19.21 -9.17 -11.65
C GLN B 264 20.38 -8.56 -10.91
N VAL B 265 20.54 -7.24 -11.01
CA VAL B 265 21.73 -6.53 -10.55
C VAL B 265 21.39 -5.61 -9.42
N TRP B 266 21.89 -5.96 -8.24
CA TRP B 266 21.46 -5.33 -7.03
C TRP B 266 22.37 -4.19 -6.59
N GLU B 267 23.58 -4.17 -7.13
CA GLU B 267 24.64 -3.21 -6.76
C GLU B 267 24.87 -2.22 -7.86
N LEU B 268 24.74 -0.95 -7.52
CA LEU B 268 24.94 0.12 -8.47
C LEU B 268 26.37 0.13 -9.05
N LYS B 269 27.36 -0.27 -8.25
CA LYS B 269 28.74 -0.33 -8.77
C LYS B 269 28.84 -1.36 -9.91
N ASP B 270 28.14 -2.48 -9.78
CA ASP B 270 28.05 -3.47 -10.85
C ASP B 270 27.24 -3.00 -12.04
N ALA B 271 26.16 -2.24 -11.80
CA ALA B 271 25.36 -1.64 -12.88
C ALA B 271 26.22 -0.66 -13.72
N VAL B 272 26.96 0.20 -13.03
CA VAL B 272 27.88 1.12 -13.68
C VAL B 272 28.94 0.39 -14.51
N ALA B 273 29.52 -0.66 -13.95
CA ALA B 273 30.56 -1.38 -14.70
C ALA B 273 29.97 -2.02 -15.96
N ILE B 274 28.80 -2.64 -15.83
CA ILE B 274 28.14 -3.30 -16.98
C ILE B 274 27.82 -2.29 -18.10
N MET B 275 27.37 -1.10 -17.70
CA MET B 275 27.09 -0.02 -18.62
C MET B 275 28.34 0.47 -19.37
N GLY B 276 29.42 0.73 -18.64
CA GLY B 276 30.72 1.00 -19.22
C GLY B 276 31.15 0.00 -20.28
N ASN B 277 31.13 -1.29 -19.94
CA ASN B 277 31.60 -2.31 -20.88
C ASN B 277 30.67 -2.40 -22.08
N ALA B 278 29.38 -2.64 -21.80
CA ALA B 278 28.40 -2.91 -22.84
C ALA B 278 28.18 -1.76 -23.82
N GLN B 279 28.13 -0.54 -23.30
CA GLN B 279 27.72 0.61 -24.11
C GLN B 279 28.89 1.41 -24.65
N LEU B 280 30.02 1.35 -23.96
CA LEU B 280 31.16 2.23 -24.23
C LEU B 280 32.43 1.47 -24.63
N GLY B 281 32.43 0.15 -24.38
CA GLY B 281 33.58 -0.70 -24.60
C GLY B 281 34.74 -0.38 -23.67
N LYS B 282 34.43 0.05 -22.46
CA LYS B 282 35.45 0.53 -21.54
C LYS B 282 35.33 -0.21 -20.21
N GLN B 283 36.43 -0.80 -19.77
CA GLN B 283 36.54 -1.28 -18.39
C GLN B 283 36.90 -0.07 -17.57
N LEU B 284 35.92 0.43 -16.82
CA LEU B 284 36.10 1.57 -15.94
C LEU B 284 36.94 1.13 -14.76
N ALA B 285 37.85 2.00 -14.32
CA ALA B 285 38.69 1.71 -13.16
C ALA B 285 37.87 1.82 -11.85
N PRO B 286 38.06 0.84 -10.92
CA PRO B 286 37.34 0.76 -9.63
C PRO B 286 37.05 2.12 -8.98
N ASP B 287 37.99 3.04 -9.13
CA ASP B 287 37.88 4.39 -8.59
C ASP B 287 36.86 5.25 -9.34
N ASP B 288 36.93 5.26 -10.67
CA ASP B 288 35.94 5.94 -11.49
C ASP B 288 34.53 5.43 -11.17
N VAL B 289 34.41 4.12 -11.02
CA VAL B 289 33.17 3.43 -10.69
C VAL B 289 32.62 3.88 -9.34
N GLU B 290 33.45 3.84 -8.28
CA GLU B 290 33.08 4.34 -6.94
C GLU B 290 32.58 5.78 -7.02
N ASN B 291 33.29 6.64 -7.78
CA ASN B 291 32.94 8.06 -7.91
C ASN B 291 31.63 8.30 -8.65
N ILE B 292 31.43 7.61 -9.78
CA ILE B 292 30.18 7.66 -10.56
C ILE B 292 28.98 7.15 -9.75
N VAL B 293 29.18 6.08 -8.95
CA VAL B 293 28.17 5.64 -7.97
C VAL B 293 27.79 6.77 -6.96
N ALA B 294 28.80 7.39 -6.36
CA ALA B 294 28.59 8.58 -5.51
C ALA B 294 27.82 9.72 -6.22
N PHE B 295 28.18 10.03 -7.46
CA PHE B 295 27.36 10.95 -8.27
C PHE B 295 25.93 10.45 -8.48
N LEU B 296 25.73 9.17 -8.78
CA LEU B 296 24.38 8.63 -8.93
C LEU B 296 23.49 8.80 -7.70
N HIS B 297 24.08 8.65 -6.51
CA HIS B 297 23.42 8.95 -5.23
C HIS B 297 22.98 10.42 -5.13
N SER B 298 23.65 11.33 -5.85
CA SER B 298 23.24 12.75 -5.80
C SER B 298 21.92 13.01 -6.51
N LEU B 299 21.45 12.02 -7.28
CA LEU B 299 20.21 12.12 -8.08
C LEU B 299 18.97 11.71 -7.30
N SER B 300 19.11 11.48 -6.00
CA SER B 300 17.96 11.20 -5.15
C SER B 300 17.29 12.50 -4.69
N GLY B 301 16.07 12.74 -5.16
CA GLY B 301 15.33 13.97 -4.87
C GLY B 301 14.44 13.91 -3.66
N LYS B 302 13.82 15.03 -3.32
CA LYS B 302 12.85 14.99 -2.26
C LYS B 302 11.65 14.20 -2.73
N GLN B 303 11.35 13.14 -1.98
CA GLN B 303 10.23 12.24 -2.27
C GLN B 303 8.89 12.91 -2.03
N PRO B 304 7.90 12.59 -2.86
CA PRO B 304 6.57 13.17 -2.63
C PRO B 304 5.99 12.74 -1.29
N ARG B 305 5.38 13.70 -0.59
CA ARG B 305 4.61 13.43 0.59
C ARG B 305 3.20 13.08 0.13
N VAL B 306 2.83 11.81 0.34
CA VAL B 306 1.53 11.30 -0.02
C VAL B 306 0.68 11.09 1.23
N GLU B 307 -0.46 11.80 1.27
CA GLU B 307 -1.53 11.43 2.21
C GLU B 307 -2.32 10.24 1.64
N TYR B 308 -2.39 9.17 2.39
CA TYR B 308 -3.14 8.03 1.91
C TYR B 308 -4.61 8.43 1.67
N PRO B 309 -5.17 8.12 0.47
CA PRO B 309 -6.56 8.45 0.17
C PRO B 309 -7.54 7.63 0.95
N LEU B 310 -8.67 8.25 1.32
CA LEU B 310 -9.78 7.49 1.80
C LEU B 310 -10.65 7.03 0.63
N LEU B 311 -10.71 5.71 0.48
CA LEU B 311 -11.43 5.07 -0.60
C LEU B 311 -12.85 4.74 -0.15
N PRO B 312 -13.82 5.03 -1.02
CA PRO B 312 -15.21 4.88 -0.67
C PRO B 312 -15.61 3.40 -0.62
N ALA B 313 -16.64 3.08 0.15
CA ALA B 313 -17.00 1.67 0.40
C ALA B 313 -17.62 1.03 -0.83
N SER B 314 -17.32 -0.25 -1.01
CA SER B 314 -18.05 -1.07 -1.95
C SER B 314 -19.53 -1.18 -1.59
N THR B 315 -20.35 -1.38 -2.63
CA THR B 315 -21.76 -1.50 -2.52
C THR B 315 -22.19 -2.92 -2.94
N GLU B 316 -23.50 -3.12 -3.02
CA GLU B 316 -24.10 -4.38 -3.46
C GLU B 316 -23.76 -4.79 -4.91
N THR B 317 -23.54 -3.80 -5.77
CA THR B 317 -23.31 -4.09 -7.18
C THR B 317 -21.87 -3.91 -7.61
N THR B 318 -20.96 -3.78 -6.64
CA THR B 318 -19.58 -3.78 -7.02
C THR B 318 -19.10 -5.22 -7.17
N PRO B 319 -18.42 -5.50 -8.30
CA PRO B 319 -17.92 -6.84 -8.64
C PRO B 319 -17.05 -7.39 -7.51
N ARG B 320 -17.20 -8.70 -7.25
CA ARG B 320 -16.48 -9.39 -6.19
C ARG B 320 -15.12 -9.95 -6.66
N PRO B 321 -14.10 -9.94 -5.77
CA PRO B 321 -12.80 -10.54 -6.04
C PRO B 321 -12.89 -11.93 -6.65
N ALA B 322 -12.04 -12.17 -7.67
CA ALA B 322 -12.02 -13.41 -8.46
C ALA B 322 -10.67 -13.62 -9.21
N GLU B 323 -10.64 -14.58 -10.16
CA GLU B 323 -9.46 -14.84 -11.04
C GLU B 323 -9.76 -15.45 -12.44
#